data_7FBS
#
_entry.id   7FBS
#
_cell.length_a   1.00
_cell.length_b   1.00
_cell.length_c   1.00
_cell.angle_alpha   90.00
_cell.angle_beta   90.00
_cell.angle_gamma   90.00
#
_symmetry.space_group_name_H-M   'P 1'
#
loop_
_entity.id
_entity.type
_entity.pdbx_description
1 polymer 'Sodium channel protein type 5 subunit alpha,Sodium channel protein type 5 subunit alpha,Sodium channel protein type 5 subunit alpha,G protein/GFP fusion protein'
2 non-polymer 2-acetamido-2-deoxy-beta-D-glucopyranose
3 non-polymer '[(2~{R})-1-[2-azanylethoxy(oxidanyl)phosphoryl]oxy-3-hexadecanoyloxy-propan-2-yl] (~{Z})-octadec-9-enoate'
4 non-polymer 1-[2-[(2R)-2-oxidanyl-3-(propylamino)propoxy]phenyl]-3-phenyl-propan-1-one
5 non-polymer (3beta,14beta,17beta,25R)-3-[4-methoxy-3-(methoxymethyl)butoxy]spirost-5-en
#
_entity_poly.entity_id   1
_entity_poly.type   'polypeptide(L)'
_entity_poly.pdbx_seq_one_letter_code
;MANLLLPRGTSSFRRFTRESLAAIEKRMAEKQARGGSATSQESREGLQEEEAPRPQLDLQASKKLPDLYGNPPRELIGEP
LEDLDPFYSTQKTFIVLNKGKTIFRFSATNALYVLSPFHPVRRAAVKILVHSLFSMLIMCTILTNCVFMAQHDPPPWTKY
VEYTFTAIYTFESLVKILARGFCLHAFTFLRDPWNWLDFSVIVMAYTTEFVDLGNVSALRTFRVLRALKTISVISGLKTI
VGALIQSVKKLADVMVLTVFCLSVFALIGLQLFMGNLRHKCVRNFTELNGTNGSVEADGLVWNSLDVYLNDPANYLLKNG
TTDVLLCGNSSDAGTCPEGYRCLKAGENPDHGYTSFDSFAWAFLALFRLMTQDCWERLYQQTLRSAGKIYMIFFMLVIFL
GSFYLVNLILAVVAMAYEEQNQATIAETEEKEKRFQEAMEMLKKEHEALTIRGVDTVSRSSARQRALSAVSVLTSALEEL
EESHRKCPPCWNRFAQHYLIWECCPLWMSIKQKVKFVVMDPFADLTITMCIVLNTLFMALEHYNMTAEFEEMLQVGNLVF
TGIFTAEMTFKIIALDPYYYFQQGWNIFDSIIVILSLMELGLSRMGNLSVLRSFRLLRVFKLAKSWPTLNTLIKIIGNSV
GALGNLTLVLAIIVFIFAVVGMQLFGKNYSELRHRISDSGLLPRWHMMDFFHAFLIIFRILCGEWIETMWDCMEVSGQSL
CLLVFLLVMVIGNLVVLNLFLALLLSSFSADNLTAPDEDGEMNNLQLALARIQRGLRFVKRTTWDFCCGILRRRPKKPAA
LATHSQLPSCITAPRSPPPPEVEKVPPARKETRFEEDKRPGQGTPGDSEPVCVPIAVAESDTEDQEEDEENGKVWWRLRK
TCYRIVEHSWFETFIIFMILLSSGALAFEDIYLEERKTIKVLLEYADKMFTYVFVLEMLLKWVAYGFKKYFTNAWCWLDF
LIVDVSLVSLVANTLGFAEMGPIKSLRTLRALRPLRALSRFEGMRVVVNALVGAIPSIMNVLLVCLIFWLIFSIMGVNLF
AGKFGRCINQTEGDLPLNYTIVNNKSECESFNVTGELYWTKVKVNFDNVGAGYLALLQVATFKGWMDIMYAAVDSRGYEE
QPQWEDNLYMYIYFVVFIIFGSFFTLNLFIGVIIDNFNQQKKKLGGQDQQQTEEQKKYYNAMKKLGSKKPQKPIPRPLNK
YQGFIFDIVTKQAFDVTIMFLICLNMVTMMVETDDQSPEKVNILAKINLLFVAIFTGECIVKMAALRHYYFTNSWNIFDF
VVVILSIVGTVLSDIIQKYFFSPTLFRVIRLARIGRILRLIRGAKGIRTLLFALMMSLPALFNIGLLLFLVMFIYSIFGM
ANFAYVKWEAGIDDMFNFQTFANSMLCLFQITTSAGWDGLLSPILNTGPPYCDPNLPNSNGSRGNCGSPAVGILFFTTYI
IISFLIVVNMYIAIILENFSVATEESTEPLSEDDFDMFYEIWEKFDPEATQFIEYLALSDFADALSEPLRIAKPNQISLI
NMDLPMVSGDRIHCMDILFAFTKRVLGESGEMDALKIQMEEKFMAANPSKISYEPITTTLEVLFQGPGSMVSKGEELFTG
VVPILVELDGDVNGHKFSVSGEGEGDATYGKLTLKFICTTGKLPVPWPTLVTTLTYGVQCFSRYPDHMKQHDFFKSAMPE
GYVQERTIFFKDDGNYKTRAEVKFEGDTLVNRIELKGIDFKEDGNILGHKLEYNYNSHNVYIMADKQKNGIKVNFKIRHN
IEDGSVQLADHYQQNTPIGDGPVLLPDNHYLSTQSALSKDPNEKRDHMVLLEFVTAAGITLGMDELYKGSDYKDDDDK
;
_entity_poly.pdbx_strand_id   A
#
# COMPACT_ATOMS: atom_id res chain seq x y z
N HIS A 119 6.32 50.99 36.29
CA HIS A 119 7.55 50.49 36.89
C HIS A 119 8.67 50.42 35.86
N PRO A 120 9.91 50.62 36.29
CA PRO A 120 11.03 50.49 35.35
C PRO A 120 11.30 49.06 34.94
N VAL A 121 11.14 48.10 35.86
CA VAL A 121 11.31 46.70 35.50
C VAL A 121 10.26 46.27 34.50
N ARG A 122 9.07 46.87 34.57
CA ARG A 122 8.02 46.58 33.59
C ARG A 122 8.45 47.00 32.19
N ARG A 123 8.96 48.22 32.05
CA ARG A 123 9.43 48.69 30.75
C ARG A 123 10.61 47.86 30.27
N ALA A 124 11.51 47.48 31.17
CA ALA A 124 12.66 46.67 30.77
C ALA A 124 12.24 45.30 30.27
N ALA A 125 11.33 44.64 30.99
CA ALA A 125 10.84 43.34 30.56
C ALA A 125 10.12 43.44 29.22
N VAL A 126 9.32 44.50 29.03
CA VAL A 126 8.61 44.64 27.76
C VAL A 126 9.60 44.88 26.62
N LYS A 127 10.64 45.67 26.87
CA LYS A 127 11.64 45.91 25.83
C LYS A 127 12.38 44.64 25.47
N ILE A 128 12.68 43.80 26.46
CA ILE A 128 13.28 42.50 26.17
C ILE A 128 12.30 41.63 25.38
N LEU A 129 11.01 41.72 25.73
CA LEU A 129 10.00 40.89 25.09
C LEU A 129 9.87 41.21 23.61
N VAL A 130 9.70 42.49 23.28
CA VAL A 130 9.46 42.85 21.87
C VAL A 130 10.73 42.69 21.05
N HIS A 131 11.90 42.75 21.68
CA HIS A 131 13.14 42.70 20.94
C HIS A 131 13.33 41.33 20.29
N SER A 132 14.00 41.33 19.14
CA SER A 132 14.10 40.15 18.30
C SER A 132 15.35 39.31 18.57
N LEU A 133 16.28 39.79 19.41
CA LEU A 133 17.44 38.98 19.72
C LEU A 133 17.11 37.95 20.79
N PHE A 134 16.21 38.31 21.72
CA PHE A 134 15.68 37.35 22.67
C PHE A 134 15.04 36.15 21.99
N SER A 135 14.29 36.39 20.89
CA SER A 135 13.62 35.31 20.19
C SER A 135 14.63 34.32 19.63
N MET A 136 15.67 34.83 18.94
CA MET A 136 16.68 33.94 18.39
C MET A 136 17.50 33.28 19.49
N LEU A 137 17.69 33.96 20.63
CA LEU A 137 18.36 33.33 21.76
C LEU A 137 17.59 32.10 22.22
N ILE A 138 16.28 32.25 22.42
CA ILE A 138 15.47 31.12 22.87
C ILE A 138 15.36 30.06 21.78
N MET A 139 15.40 30.46 20.51
CA MET A 139 15.36 29.48 19.43
C MET A 139 16.64 28.64 19.42
N CYS A 140 17.79 29.28 19.54
CA CYS A 140 19.04 28.52 19.62
C CYS A 140 19.08 27.65 20.87
N THR A 141 18.53 28.14 21.97
CA THR A 141 18.47 27.34 23.18
C THR A 141 17.61 26.10 22.98
N ILE A 142 16.46 26.25 22.32
CA ILE A 142 15.61 25.12 22.01
C ILE A 142 16.32 24.14 21.09
N LEU A 143 17.03 24.65 20.09
CA LEU A 143 17.71 23.79 19.13
C LEU A 143 18.81 22.97 19.81
N THR A 144 19.57 23.60 20.71
CA THR A 144 20.58 22.86 21.45
C THR A 144 19.95 21.88 22.42
N ASN A 145 18.86 22.27 23.07
CA ASN A 145 18.14 21.33 23.92
C ASN A 145 17.63 20.16 23.11
N CYS A 146 17.31 20.40 21.84
CA CYS A 146 16.90 19.32 20.96
C CYS A 146 18.05 18.35 20.73
N VAL A 147 19.19 18.85 20.27
CA VAL A 147 20.31 17.94 20.05
C VAL A 147 20.75 17.27 21.34
N PHE A 148 20.35 17.81 22.50
CA PHE A 148 20.63 17.16 23.78
C PHE A 148 19.54 16.19 24.23
N MET A 149 18.32 16.35 23.74
CA MET A 149 17.26 15.39 24.02
C MET A 149 17.45 14.12 23.22
N ALA A 150 17.86 14.25 21.97
CA ALA A 150 18.01 13.19 21.02
C ALA A 150 19.12 12.26 21.35
N GLN A 151 19.74 12.38 22.51
CA GLN A 151 20.84 11.50 22.88
C GLN A 151 20.35 10.46 23.88
N HIS A 152 20.86 9.24 23.72
CA HIS A 152 20.71 8.21 24.73
C HIS A 152 22.06 8.04 25.42
N ASP A 153 22.02 7.60 26.67
CA ASP A 153 23.22 7.47 27.49
C ASP A 153 23.94 8.80 27.58
N PRO A 154 23.36 9.79 28.25
CA PRO A 154 24.02 11.09 28.34
C PRO A 154 25.11 11.07 29.39
N PRO A 155 26.22 11.77 29.16
CA PRO A 155 27.30 11.81 30.14
C PRO A 155 26.93 12.66 31.33
N PRO A 156 27.68 12.59 32.43
CA PRO A 156 27.38 13.46 33.59
C PRO A 156 27.52 14.93 33.28
N TRP A 157 28.42 15.32 32.37
CA TRP A 157 28.57 16.71 31.98
C TRP A 157 27.30 17.27 31.34
N THR A 158 26.28 16.45 31.14
CA THR A 158 25.00 16.91 30.62
C THR A 158 24.10 17.45 31.71
N LYS A 159 24.24 16.97 32.95
CA LYS A 159 23.29 17.34 34.00
C LYS A 159 23.21 18.84 34.20
N TYR A 160 24.35 19.50 34.41
CA TYR A 160 24.34 20.96 34.50
C TYR A 160 23.67 21.59 33.29
N VAL A 161 23.95 21.07 32.10
CA VAL A 161 23.31 21.59 30.89
C VAL A 161 21.80 21.59 31.06
N GLU A 162 21.24 20.50 31.55
CA GLU A 162 19.81 20.48 31.87
C GLU A 162 19.45 21.68 32.74
N TYR A 163 20.10 21.80 33.91
CA TYR A 163 19.89 22.97 34.75
C TYR A 163 19.95 24.25 33.93
N THR A 164 21.00 24.39 33.11
CA THR A 164 21.15 25.58 32.28
C THR A 164 19.86 25.89 31.56
N PHE A 165 19.37 24.95 30.75
CA PHE A 165 18.16 25.19 29.99
C PHE A 165 17.03 25.63 30.91
N THR A 166 16.84 24.90 32.02
CA THR A 166 15.80 25.27 32.97
C THR A 166 15.85 26.76 33.27
N ALA A 167 17.01 27.25 33.71
CA ALA A 167 17.15 28.66 34.05
C ALA A 167 16.60 29.53 32.93
N ILE A 168 17.12 29.35 31.72
CA ILE A 168 16.73 30.21 30.61
C ILE A 168 15.21 30.21 30.45
N TYR A 169 14.61 29.02 30.45
CA TYR A 169 13.17 28.96 30.24
C TYR A 169 12.44 29.68 31.36
N THR A 170 12.86 29.45 32.61
CA THR A 170 12.25 30.17 33.71
C THR A 170 12.37 31.67 33.49
N PHE A 171 13.55 32.13 33.06
CA PHE A 171 13.70 33.53 32.74
C PHE A 171 12.66 33.97 31.73
N GLU A 172 12.53 33.21 30.63
CA GLU A 172 11.45 33.47 29.68
C GLU A 172 10.14 33.68 30.41
N SER A 173 9.73 32.71 31.22
CA SER A 173 8.50 32.84 31.98
C SER A 173 8.43 34.19 32.68
N LEU A 174 9.42 34.50 33.51
CA LEU A 174 9.40 35.77 34.21
C LEU A 174 9.32 36.93 33.23
N VAL A 175 10.21 36.93 32.23
CA VAL A 175 10.28 38.05 31.31
C VAL A 175 8.94 38.30 30.64
N LYS A 176 8.13 37.23 30.50
CA LYS A 176 6.82 37.46 29.91
C LYS A 176 5.80 37.84 30.96
N ILE A 177 5.79 37.16 32.11
CA ILE A 177 4.75 37.42 33.11
C ILE A 177 4.99 38.78 33.77
N LEU A 178 6.26 39.13 33.99
CA LEU A 178 6.59 40.48 34.45
C LEU A 178 6.24 41.52 33.41
N ALA A 179 6.11 41.14 32.15
CA ALA A 179 5.58 42.05 31.15
C ALA A 179 4.05 42.12 31.24
N ARG A 180 3.40 41.04 31.66
CA ARG A 180 1.96 41.05 31.83
C ARG A 180 1.54 42.00 32.94
N GLY A 181 1.90 41.68 34.19
CA GLY A 181 1.65 42.60 35.29
C GLY A 181 0.72 42.17 36.41
N PHE A 182 -0.39 41.52 36.09
CA PHE A 182 -1.43 41.29 37.11
C PHE A 182 -2.16 39.99 36.80
N CYS A 183 -3.29 39.79 37.48
CA CYS A 183 -4.10 38.60 37.28
C CYS A 183 -4.99 38.72 36.04
N LEU A 184 -5.49 39.93 35.75
CA LEU A 184 -6.12 40.15 34.46
C LEU A 184 -5.10 40.02 33.33
N HIS A 185 -3.90 40.54 33.55
CA HIS A 185 -2.83 40.32 32.58
C HIS A 185 -2.41 38.86 32.52
N ALA A 186 -2.50 38.14 33.64
CA ALA A 186 -2.25 36.70 33.59
C ALA A 186 -3.33 35.98 32.81
N PHE A 187 -4.58 36.44 32.92
CA PHE A 187 -5.65 35.89 32.10
C PHE A 187 -5.37 36.11 30.62
N THR A 188 -4.98 37.34 30.26
CA THR A 188 -4.66 37.62 28.86
C THR A 188 -3.45 36.83 28.39
N PHE A 189 -2.49 36.60 29.28
CA PHE A 189 -1.30 35.81 28.94
C PHE A 189 -1.67 34.36 28.66
N LEU A 190 -2.43 33.74 29.56
CA LEU A 190 -2.84 32.36 29.36
C LEU A 190 -3.94 32.21 28.33
N ARG A 191 -4.50 33.32 27.83
CA ARG A 191 -5.49 33.22 26.76
C ARG A 191 -4.89 32.63 25.49
N ASP A 192 -3.65 32.97 25.18
CA ASP A 192 -2.96 32.31 24.08
C ASP A 192 -2.46 30.96 24.56
N PRO A 193 -3.00 29.86 24.03
CA PRO A 193 -2.75 28.55 24.65
C PRO A 193 -1.32 28.09 24.56
N TRP A 194 -0.52 28.66 23.67
CA TRP A 194 0.81 28.10 23.38
C TRP A 194 1.72 28.14 24.60
N ASN A 195 1.56 29.13 25.48
CA ASN A 195 2.44 29.24 26.62
C ASN A 195 2.07 28.31 27.76
N TRP A 196 0.89 27.68 27.70
CA TRP A 196 0.59 26.62 28.64
C TRP A 196 1.62 25.51 28.56
N LEU A 197 2.19 25.30 27.36
CA LEU A 197 3.19 24.26 27.21
C LEU A 197 4.41 24.53 28.07
N ASP A 198 5.11 25.66 27.86
CA ASP A 198 6.31 25.90 28.64
C ASP A 198 5.97 26.25 30.09
N PHE A 199 4.74 26.67 30.35
CA PHE A 199 4.26 26.72 31.73
C PHE A 199 4.38 25.35 32.38
N SER A 200 3.77 24.33 31.79
CA SER A 200 3.88 22.98 32.31
C SER A 200 5.33 22.51 32.29
N VAL A 201 6.12 22.99 31.34
CA VAL A 201 7.52 22.59 31.25
C VAL A 201 8.28 23.07 32.48
N ILE A 202 8.12 24.33 32.86
CA ILE A 202 8.87 24.83 34.01
C ILE A 202 8.30 24.26 35.30
N VAL A 203 6.98 23.99 35.34
CA VAL A 203 6.41 23.33 36.51
C VAL A 203 7.04 21.95 36.70
N MET A 204 7.06 21.15 35.64
CA MET A 204 7.65 19.82 35.71
C MET A 204 9.15 19.90 36.02
N ALA A 205 9.82 20.94 35.52
CA ALA A 205 11.24 21.12 35.79
C ALA A 205 11.47 21.36 37.28
N TYR A 206 10.68 22.25 37.88
CA TYR A 206 10.85 22.53 39.30
C TYR A 206 10.48 21.32 40.15
N THR A 207 9.46 20.57 39.74
CA THR A 207 9.10 19.37 40.48
C THR A 207 10.21 18.34 40.42
N THR A 208 10.78 18.10 39.25
CA THR A 208 11.81 17.08 39.12
C THR A 208 13.13 17.53 39.73
N GLU A 209 13.35 18.84 39.87
CA GLU A 209 14.59 19.32 40.45
C GLU A 209 14.49 19.55 41.96
N PHE A 210 13.28 19.61 42.52
CA PHE A 210 13.13 19.78 43.96
C PHE A 210 12.84 18.48 44.70
N VAL A 211 11.99 17.62 44.15
CA VAL A 211 11.65 16.37 44.81
C VAL A 211 11.70 15.21 43.81
N ASN A 215 10.68 7.66 42.38
CA ASN A 215 10.11 8.07 41.10
C ASN A 215 10.09 6.91 40.11
N VAL A 216 9.17 6.98 39.14
CA VAL A 216 9.07 5.98 38.10
C VAL A 216 10.12 6.16 37.02
N SER A 217 10.86 7.27 37.04
CA SER A 217 11.88 7.62 36.05
C SER A 217 11.31 7.87 34.66
N ALA A 218 9.98 7.86 34.51
CA ALA A 218 9.36 8.09 33.22
C ALA A 218 8.93 9.54 33.02
N LEU A 219 9.26 10.43 33.95
CA LEU A 219 8.93 11.84 33.80
C LEU A 219 9.88 12.56 32.85
N ARG A 220 11.09 12.04 32.66
CA ARG A 220 12.05 12.57 31.72
C ARG A 220 11.50 12.68 30.30
N THR A 221 10.42 11.95 30.00
CA THR A 221 9.78 11.94 28.70
C THR A 221 8.99 13.22 28.43
N PHE A 222 8.87 14.08 29.43
CA PHE A 222 8.01 15.24 29.28
C PHE A 222 8.74 16.43 28.65
N ARG A 223 10.05 16.57 28.88
CA ARG A 223 10.73 17.78 28.42
C ARG A 223 10.81 17.87 26.89
N VAL A 224 10.42 16.81 26.17
CA VAL A 224 10.30 16.92 24.73
C VAL A 224 9.26 17.97 24.35
N LEU A 225 8.36 18.32 25.26
CA LEU A 225 7.45 19.42 24.99
C LEU A 225 8.19 20.71 24.66
N ARG A 226 9.41 20.87 25.18
CA ARG A 226 10.22 22.03 24.82
C ARG A 226 10.39 22.15 23.32
N ALA A 227 10.48 21.02 22.62
CA ALA A 227 10.68 21.04 21.17
C ALA A 227 9.50 21.65 20.45
N LEU A 228 8.30 21.60 21.01
CA LEU A 228 7.17 22.27 20.39
C LEU A 228 7.22 23.78 20.57
N LYS A 229 8.06 24.27 21.48
CA LYS A 229 8.06 25.69 21.82
C LYS A 229 8.37 26.57 20.61
N THR A 230 9.31 26.14 19.76
CA THR A 230 9.68 26.97 18.62
C THR A 230 8.61 26.99 17.55
N ILE A 231 7.58 26.15 17.67
CA ILE A 231 6.43 26.35 16.78
C ILE A 231 5.71 27.64 17.13
N SER A 232 5.68 28.00 18.41
CA SER A 232 5.14 29.30 18.79
C SER A 232 6.18 30.40 18.66
N VAL A 233 7.46 30.06 18.75
CA VAL A 233 8.50 31.07 18.59
C VAL A 233 8.63 31.48 17.13
N ILE A 234 8.72 30.52 16.21
CA ILE A 234 8.70 30.84 14.79
C ILE A 234 7.26 31.14 14.40
N SER A 235 7.00 32.40 14.06
CA SER A 235 5.63 32.84 13.83
C SER A 235 5.01 32.19 12.59
N GLY A 236 5.79 31.51 11.78
CA GLY A 236 5.26 30.85 10.61
C GLY A 236 4.77 29.45 10.91
N LEU A 237 5.47 28.74 11.80
CA LEU A 237 5.11 27.36 12.09
C LEU A 237 3.79 27.28 12.84
N LYS A 238 3.52 28.23 13.74
CA LYS A 238 2.27 28.19 14.47
C LYS A 238 1.09 28.37 13.54
N THR A 239 1.26 29.19 12.50
CA THR A 239 0.22 29.30 11.47
C THR A 239 -0.08 27.94 10.85
N ILE A 240 0.96 27.14 10.61
CA ILE A 240 0.77 25.82 10.03
C ILE A 240 0.04 24.91 11.00
N VAL A 241 0.62 24.71 12.20
CA VAL A 241 0.04 23.75 13.13
C VAL A 241 -1.36 24.19 13.56
N GLY A 242 -1.70 25.45 13.38
CA GLY A 242 -3.08 25.87 13.59
C GLY A 242 -3.97 25.56 12.41
N ALA A 243 -3.53 25.93 11.21
CA ALA A 243 -4.32 25.67 10.01
C ALA A 243 -4.41 24.19 9.69
N LEU A 244 -3.71 23.35 10.44
CA LEU A 244 -3.80 21.91 10.34
C LEU A 244 -4.82 21.33 11.30
N ILE A 245 -5.45 22.18 12.10
CA ILE A 245 -6.46 21.75 13.08
C ILE A 245 -7.85 21.67 12.46
N GLN A 246 -8.13 22.47 11.43
CA GLN A 246 -9.49 22.55 10.90
C GLN A 246 -9.95 21.25 10.27
N SER A 247 -9.07 20.55 9.56
CA SER A 247 -9.49 19.37 8.81
C SER A 247 -9.80 18.20 9.74
N VAL A 248 -9.04 18.04 10.83
CA VAL A 248 -9.24 16.87 11.68
C VAL A 248 -10.56 16.96 12.42
N LYS A 249 -11.08 18.17 12.66
CA LYS A 249 -12.45 18.31 13.15
C LYS A 249 -13.46 18.40 12.03
N LYS A 250 -13.01 18.66 10.80
CA LYS A 250 -13.88 18.50 9.64
C LYS A 250 -13.92 17.05 9.15
N LEU A 251 -12.98 16.22 9.57
CA LEU A 251 -12.97 14.79 9.31
C LEU A 251 -14.04 14.03 10.05
N ALA A 252 -14.95 14.68 10.80
CA ALA A 252 -15.79 13.96 11.75
C ALA A 252 -16.76 13.01 11.06
N ASP A 253 -17.47 13.51 10.05
CA ASP A 253 -18.49 12.69 9.37
C ASP A 253 -17.88 11.43 8.79
N VAL A 254 -16.82 11.57 8.00
CA VAL A 254 -16.18 10.38 7.43
C VAL A 254 -15.48 9.58 8.51
N MET A 255 -15.09 10.21 9.62
CA MET A 255 -14.46 9.43 10.67
C MET A 255 -15.46 8.50 11.34
N VAL A 256 -16.70 8.97 11.57
CA VAL A 256 -17.70 8.09 12.17
C VAL A 256 -18.19 7.08 11.14
N LEU A 257 -18.23 7.45 9.85
CA LEU A 257 -18.53 6.45 8.84
C LEU A 257 -17.47 5.35 8.82
N THR A 258 -16.20 5.73 8.94
CA THR A 258 -15.12 4.76 8.93
C THR A 258 -15.19 3.86 10.14
N VAL A 259 -15.44 4.44 11.31
CA VAL A 259 -15.58 3.63 12.52
C VAL A 259 -16.81 2.74 12.44
N PHE A 260 -17.89 3.23 11.82
CA PHE A 260 -19.11 2.44 11.70
C PHE A 260 -18.91 1.26 10.77
N CYS A 261 -18.29 1.47 9.61
CA CYS A 261 -18.05 0.38 8.69
C CYS A 261 -17.03 -0.59 9.24
N LEU A 262 -15.99 -0.09 9.91
CA LEU A 262 -15.03 -0.99 10.55
C LEU A 262 -15.70 -1.83 11.62
N SER A 263 -16.62 -1.25 12.38
CA SER A 263 -17.28 -2.03 13.43
C SER A 263 -18.28 -3.02 12.85
N VAL A 264 -19.01 -2.64 11.80
CA VAL A 264 -19.90 -3.57 11.13
C VAL A 264 -19.11 -4.77 10.61
N PHE A 265 -18.03 -4.50 9.88
CA PHE A 265 -17.26 -5.59 9.31
C PHE A 265 -16.43 -6.31 10.35
N ALA A 266 -16.17 -5.70 11.51
CA ALA A 266 -15.53 -6.41 12.60
C ALA A 266 -16.48 -7.39 13.24
N LEU A 267 -17.75 -7.03 13.37
CA LEU A 267 -18.74 -7.99 13.81
C LEU A 267 -18.91 -9.12 12.79
N ILE A 268 -18.97 -8.78 11.50
CA ILE A 268 -19.08 -9.80 10.45
C ILE A 268 -17.91 -10.76 10.51
N GLY A 269 -16.69 -10.21 10.52
CA GLY A 269 -15.51 -11.04 10.60
C GLY A 269 -15.40 -11.81 11.89
N LEU A 270 -15.94 -11.26 12.98
CA LEU A 270 -15.92 -11.97 14.25
C LEU A 270 -16.84 -13.18 14.22
N GLN A 271 -18.05 -13.01 13.68
CA GLN A 271 -18.97 -14.14 13.54
C GLN A 271 -18.45 -15.17 12.56
N LEU A 272 -17.81 -14.74 11.47
CA LEU A 272 -17.33 -15.68 10.47
C LEU A 272 -16.09 -16.43 10.93
N PHE A 273 -15.10 -15.72 11.49
CA PHE A 273 -13.79 -16.28 11.79
C PHE A 273 -13.48 -16.34 13.28
N MET A 274 -14.49 -16.38 14.12
CA MET A 274 -14.27 -16.49 15.56
C MET A 274 -13.44 -17.72 15.86
N GLY A 275 -12.24 -17.51 16.37
CA GLY A 275 -11.41 -18.62 16.77
C GLY A 275 -10.94 -19.45 15.60
N ASN A 276 -11.13 -18.93 14.39
CA ASN A 276 -10.60 -19.61 13.22
C ASN A 276 -9.08 -19.49 13.15
N LEU A 277 -8.55 -18.37 13.59
CA LEU A 277 -7.11 -18.18 13.56
C LEU A 277 -6.39 -18.93 14.66
N ARG A 278 -7.11 -19.61 15.53
CA ARG A 278 -6.50 -20.50 16.49
C ARG A 278 -6.41 -21.93 16.00
N HIS A 279 -6.90 -22.22 14.80
CA HIS A 279 -6.67 -23.52 14.19
C HIS A 279 -5.19 -23.75 14.02
N LYS A 280 -4.75 -24.98 14.20
CA LYS A 280 -3.34 -25.29 14.09
C LYS A 280 -3.20 -26.73 13.64
N CYS A 281 -2.25 -26.99 12.76
CA CYS A 281 -2.02 -28.38 12.42
C CYS A 281 -1.37 -29.04 13.62
N VAL A 282 -2.18 -29.41 14.61
CA VAL A 282 -1.64 -30.03 15.80
C VAL A 282 -1.22 -31.44 15.47
N ARG A 283 -0.24 -31.95 16.20
CA ARG A 283 0.23 -33.31 15.98
C ARG A 283 -0.87 -34.31 16.32
N ASN A 284 -0.58 -35.60 16.23
CA ASN A 284 -1.57 -36.63 16.48
C ASN A 284 -1.53 -37.02 17.95
N PHE A 285 -2.68 -36.98 18.62
CA PHE A 285 -2.81 -37.39 20.01
C PHE A 285 -3.77 -38.57 20.08
N THR A 286 -3.29 -39.68 20.64
CA THR A 286 -4.14 -40.82 20.96
C THR A 286 -4.31 -40.89 22.47
N GLU A 287 -5.57 -40.88 22.92
CA GLU A 287 -5.85 -40.78 24.34
C GLU A 287 -5.50 -42.07 25.06
N LEU A 288 -5.12 -41.94 26.32
CA LEU A 288 -4.73 -43.06 27.15
C LEU A 288 -5.88 -43.47 28.06
N ASN A 289 -5.81 -44.71 28.54
CA ASN A 289 -6.81 -45.20 29.48
C ASN A 289 -6.59 -44.63 30.87
N GLY A 290 -5.37 -44.68 31.36
CA GLY A 290 -5.05 -44.10 32.65
C GLY A 290 -4.97 -42.59 32.61
N THR A 291 -5.97 -41.93 33.19
CA THR A 291 -6.02 -40.48 33.21
C THR A 291 -6.72 -40.04 34.49
N ASN A 292 -7.00 -38.75 34.59
CA ASN A 292 -7.62 -38.15 35.77
C ASN A 292 -6.74 -38.35 37.01
N GLY A 299 7.13 -40.92 24.18
CA GLY A 299 6.89 -39.78 25.04
C GLY A 299 5.48 -39.23 24.88
N LEU A 300 4.57 -40.08 24.40
CA LEU A 300 3.19 -39.64 24.15
C LEU A 300 2.49 -39.30 25.46
N VAL A 301 2.99 -39.83 26.58
CA VAL A 301 2.37 -39.58 27.88
C VAL A 301 2.31 -38.08 28.14
N TRP A 302 1.11 -37.59 28.41
CA TRP A 302 0.87 -36.16 28.57
C TRP A 302 -0.51 -35.99 29.19
N ASN A 303 -0.98 -34.74 29.25
CA ASN A 303 -2.38 -34.41 29.47
C ASN A 303 -2.91 -33.76 28.20
N SER A 304 -4.21 -33.85 27.96
CA SER A 304 -4.73 -33.36 26.69
C SER A 304 -4.57 -31.85 26.58
N LEU A 305 -5.28 -31.09 27.41
CA LEU A 305 -5.34 -29.64 27.19
C LEU A 305 -4.08 -28.93 27.64
N ASP A 306 -3.57 -29.24 28.83
CA ASP A 306 -2.42 -28.48 29.32
C ASP A 306 -1.17 -28.77 28.51
N VAL A 307 -1.18 -29.87 27.74
CA VAL A 307 -0.06 -30.13 26.86
C VAL A 307 -0.32 -29.65 25.43
N TYR A 308 -1.56 -29.73 24.96
CA TYR A 308 -1.88 -29.32 23.60
C TYR A 308 -2.42 -27.91 23.52
N LEU A 309 -2.12 -27.08 24.48
CA LEU A 309 -2.55 -25.70 24.38
C LEU A 309 -1.35 -24.87 24.61
N ASN A 310 -0.61 -25.23 25.63
CA ASN A 310 0.59 -24.51 25.92
C ASN A 310 1.79 -25.20 25.32
N ASP A 311 1.57 -26.25 24.56
CA ASP A 311 2.72 -26.92 24.00
C ASP A 311 2.79 -26.44 22.58
N PRO A 312 3.94 -25.92 22.18
CA PRO A 312 4.08 -25.53 20.77
C PRO A 312 4.91 -26.58 20.03
N ALA A 313 5.34 -27.61 20.74
CA ALA A 313 6.09 -28.74 20.20
C ALA A 313 5.17 -29.56 19.33
N ASN A 314 3.94 -29.66 19.77
CA ASN A 314 2.88 -30.36 19.09
C ASN A 314 2.45 -29.80 17.73
N TYR A 315 2.53 -28.49 17.57
CA TYR A 315 2.19 -27.84 16.32
C TYR A 315 3.27 -28.06 15.32
N LEU A 316 2.89 -27.91 14.05
CA LEU A 316 3.82 -28.06 12.97
C LEU A 316 3.99 -26.70 12.35
N LEU A 317 5.24 -26.30 12.14
CA LEU A 317 5.56 -25.00 11.60
C LEU A 317 5.36 -24.95 10.12
N LYS A 318 5.08 -23.77 9.61
CA LYS A 318 4.92 -23.60 8.17
C LYS A 318 6.25 -23.85 7.48
N ASN A 319 6.17 -24.46 6.29
CA ASN A 319 7.37 -24.73 5.50
C ASN A 319 8.13 -23.44 5.24
N GLY A 320 9.38 -23.40 5.70
CA GLY A 320 10.22 -22.25 5.47
C GLY A 320 10.03 -21.09 6.42
N THR A 321 9.46 -21.32 7.59
CA THR A 321 9.29 -20.29 8.61
C THR A 321 9.18 -20.96 9.97
N THR A 322 9.46 -20.18 11.02
CA THR A 322 9.19 -20.61 12.38
C THR A 322 7.82 -20.07 12.76
N ASP A 323 6.81 -20.56 12.06
CA ASP A 323 5.46 -20.04 12.13
C ASP A 323 4.50 -21.21 12.01
N VAL A 324 3.52 -21.28 12.93
CA VAL A 324 2.62 -22.42 12.96
C VAL A 324 1.82 -22.48 11.67
N LEU A 325 1.44 -23.69 11.28
CA LEU A 325 0.59 -23.87 10.12
C LEU A 325 -0.86 -23.82 10.52
N LEU A 326 -1.67 -23.06 9.79
CA LEU A 326 -3.09 -23.07 10.03
C LEU A 326 -3.74 -24.18 9.23
N CYS A 327 -5.00 -24.47 9.54
CA CYS A 327 -5.73 -25.50 8.83
C CYS A 327 -7.21 -25.24 8.99
N GLY A 328 -8.02 -26.02 8.28
CA GLY A 328 -9.46 -25.97 8.41
C GLY A 328 -10.09 -27.27 7.99
N ASN A 329 -11.11 -27.71 8.70
CA ASN A 329 -11.80 -28.94 8.33
C ASN A 329 -12.53 -28.82 7.02
N SER A 330 -12.81 -27.59 6.57
CA SER A 330 -13.43 -27.38 5.27
C SER A 330 -12.57 -27.95 4.15
N SER A 331 -13.19 -28.18 3.00
CA SER A 331 -12.42 -28.61 1.83
C SER A 331 -12.00 -27.43 0.96
N ASP A 332 -11.51 -26.39 1.61
CA ASP A 332 -10.88 -25.27 0.94
C ASP A 332 -9.71 -24.73 1.75
N ALA A 333 -9.37 -25.35 2.85
CA ALA A 333 -8.37 -24.85 3.77
C ALA A 333 -7.13 -25.72 3.69
N GLY A 334 -6.12 -25.34 4.46
CA GLY A 334 -4.87 -26.05 4.41
C GLY A 334 -5.03 -27.50 4.81
N THR A 335 -4.31 -28.37 4.14
CA THR A 335 -4.38 -29.80 4.40
C THR A 335 -3.10 -30.18 5.12
N CYS A 336 -3.21 -30.41 6.42
CA CYS A 336 -2.05 -30.81 7.18
C CYS A 336 -1.52 -32.14 6.64
N PRO A 337 -0.22 -32.32 6.63
CA PRO A 337 0.34 -33.58 6.12
C PRO A 337 -0.06 -34.77 6.94
N GLU A 338 0.20 -35.97 6.44
CA GLU A 338 -0.12 -37.18 7.18
C GLU A 338 0.64 -37.17 8.49
N GLY A 339 -0.05 -37.51 9.58
CA GLY A 339 0.55 -37.47 10.89
C GLY A 339 0.27 -36.20 11.66
N TYR A 340 -0.56 -35.30 11.11
CA TYR A 340 -0.88 -34.04 11.76
C TYR A 340 -2.34 -33.75 11.51
N ARG A 341 -3.17 -33.94 12.51
CA ARG A 341 -4.57 -33.58 12.42
C ARG A 341 -4.67 -32.07 12.62
N CYS A 342 -5.87 -31.53 12.81
CA CYS A 342 -5.96 -30.09 12.87
C CYS A 342 -7.13 -29.67 13.74
N LEU A 343 -6.83 -28.90 14.77
CA LEU A 343 -7.77 -28.57 15.84
C LEU A 343 -7.75 -27.08 16.07
N LYS A 344 -8.49 -26.65 17.08
CA LYS A 344 -8.45 -25.26 17.50
C LYS A 344 -7.64 -25.06 18.76
N ALA A 345 -7.29 -26.15 19.45
CA ALA A 345 -6.52 -26.05 20.68
C ALA A 345 -5.14 -25.51 20.30
N GLY A 346 -4.96 -24.22 20.50
CA GLY A 346 -3.73 -23.59 20.12
C GLY A 346 -3.41 -22.44 21.04
N GLU A 347 -2.15 -22.02 20.98
CA GLU A 347 -1.66 -20.97 21.86
C GLU A 347 -2.46 -19.69 21.62
N ASN A 348 -2.28 -19.09 20.46
CA ASN A 348 -2.83 -17.81 20.11
C ASN A 348 -2.54 -17.59 18.63
N PRO A 349 -2.98 -16.50 18.05
CA PRO A 349 -2.42 -16.09 16.76
C PRO A 349 -0.95 -15.70 16.85
N ASP A 350 -0.37 -15.12 15.79
CA ASP A 350 1.09 -15.00 15.67
C ASP A 350 1.78 -14.56 16.96
N HIS A 351 1.44 -13.40 17.50
CA HIS A 351 1.88 -13.00 18.82
C HIS A 351 0.71 -12.81 19.77
N GLY A 352 -0.49 -13.14 19.34
CA GLY A 352 -1.69 -12.92 20.10
C GLY A 352 -2.53 -11.78 19.58
N TYR A 353 -2.01 -10.98 18.66
CA TYR A 353 -2.66 -9.73 18.30
C TYR A 353 -3.44 -9.79 16.99
N THR A 354 -3.44 -10.90 16.28
CA THR A 354 -4.14 -10.98 15.00
C THR A 354 -5.45 -11.76 15.07
N SER A 355 -5.92 -12.09 16.27
CA SER A 355 -7.19 -12.79 16.43
C SER A 355 -8.37 -12.11 15.77
N PHE A 356 -9.39 -12.89 15.45
CA PHE A 356 -10.75 -12.39 15.26
C PHE A 356 -11.63 -12.71 16.46
N ASP A 357 -11.03 -13.12 17.57
CA ASP A 357 -11.79 -13.72 18.66
C ASP A 357 -12.68 -12.73 19.37
N SER A 358 -12.19 -11.53 19.63
CA SER A 358 -12.98 -10.52 20.33
C SER A 358 -13.33 -9.42 19.34
N PHE A 359 -14.13 -8.46 19.77
CA PHE A 359 -14.39 -7.33 18.92
C PHE A 359 -13.25 -6.33 18.92
N ALA A 360 -12.47 -6.28 19.99
CA ALA A 360 -11.30 -5.42 20.00
C ALA A 360 -10.25 -5.94 19.03
N TRP A 361 -9.89 -7.22 19.15
CA TRP A 361 -8.92 -7.79 18.22
C TRP A 361 -9.43 -7.76 16.79
N ALA A 362 -10.73 -7.98 16.58
CA ALA A 362 -11.27 -7.96 15.23
C ALA A 362 -11.29 -6.55 14.67
N PHE A 363 -11.57 -5.56 15.51
CA PHE A 363 -11.50 -4.18 15.04
C PHE A 363 -10.07 -3.81 14.67
N LEU A 364 -9.09 -4.29 15.43
CA LEU A 364 -7.70 -4.04 15.07
C LEU A 364 -7.36 -4.71 13.75
N ALA A 365 -7.80 -5.96 13.55
CA ALA A 365 -7.52 -6.66 12.30
C ALA A 365 -8.13 -5.95 11.10
N LEU A 366 -9.33 -5.43 11.27
CA LEU A 366 -9.97 -4.74 10.15
C LEU A 366 -9.42 -3.34 9.94
N PHE A 367 -8.88 -2.71 10.99
CA PHE A 367 -8.13 -1.49 10.77
C PHE A 367 -6.87 -1.76 9.98
N ARG A 368 -6.16 -2.83 10.33
CA ARG A 368 -4.97 -3.20 9.59
C ARG A 368 -5.29 -3.49 8.13
N LEU A 369 -6.39 -4.18 7.86
CA LEU A 369 -6.77 -4.40 6.46
C LEU A 369 -7.28 -3.15 5.80
N MET A 370 -7.72 -2.15 6.56
CA MET A 370 -8.17 -0.91 5.96
C MET A 370 -7.00 -0.07 5.47
N THR A 371 -5.91 -0.04 6.24
CA THR A 371 -4.68 0.62 5.86
C THR A 371 -3.77 -0.27 5.03
N GLN A 372 -4.19 -1.51 4.74
CA GLN A 372 -3.44 -2.46 3.93
C GLN A 372 -2.04 -2.69 4.46
N ASP A 373 -1.86 -2.59 5.77
CA ASP A 373 -0.58 -2.86 6.39
C ASP A 373 -0.42 -4.36 6.57
N CYS A 374 0.38 -4.99 5.73
CA CYS A 374 0.64 -6.42 5.80
C CYS A 374 -0.66 -7.21 5.72
N TRP A 375 -1.63 -6.69 4.98
CA TRP A 375 -2.95 -7.30 4.93
C TRP A 375 -2.89 -8.67 4.28
N GLU A 376 -1.96 -8.88 3.36
CA GLU A 376 -1.89 -10.17 2.67
C GLU A 376 -1.55 -11.27 3.63
N ARG A 377 -0.91 -10.95 4.75
CA ARG A 377 -0.59 -11.98 5.73
C ARG A 377 -1.84 -12.48 6.41
N LEU A 378 -2.73 -11.57 6.81
CA LEU A 378 -4.01 -11.97 7.37
C LEU A 378 -4.87 -12.67 6.32
N TYR A 379 -4.79 -12.19 5.08
CA TYR A 379 -5.52 -12.81 3.98
C TYR A 379 -5.14 -14.28 3.83
N GLN A 380 -3.85 -14.56 3.76
CA GLN A 380 -3.41 -15.94 3.59
C GLN A 380 -3.66 -16.77 4.84
N GLN A 381 -3.56 -16.17 6.03
CA GLN A 381 -3.88 -16.91 7.25
C GLN A 381 -5.35 -17.28 7.29
N THR A 382 -6.24 -16.31 7.06
CA THR A 382 -7.67 -16.56 7.13
C THR A 382 -8.12 -17.57 6.10
N LEU A 383 -7.68 -17.40 4.85
CA LEU A 383 -8.01 -18.39 3.84
C LEU A 383 -7.41 -19.73 4.19
N ARG A 384 -6.24 -19.76 4.81
CA ARG A 384 -5.62 -21.01 5.19
C ARG A 384 -6.47 -21.76 6.18
N SER A 385 -7.11 -21.07 7.11
CA SER A 385 -7.91 -21.76 8.11
C SER A 385 -9.39 -21.84 7.72
N ALA A 386 -9.98 -20.70 7.35
CA ALA A 386 -11.41 -20.68 7.02
C ALA A 386 -11.68 -21.44 5.72
N GLY A 387 -11.11 -20.99 4.63
CA GLY A 387 -11.27 -21.61 3.33
C GLY A 387 -11.08 -20.60 2.24
N LYS A 388 -10.77 -21.09 1.05
CA LYS A 388 -10.49 -20.18 -0.06
C LYS A 388 -11.70 -19.37 -0.46
N ILE A 389 -12.91 -19.89 -0.25
CA ILE A 389 -14.08 -19.17 -0.72
C ILE A 389 -14.28 -17.87 0.04
N TYR A 390 -13.83 -17.81 1.29
CA TYR A 390 -13.88 -16.57 2.05
C TYR A 390 -13.00 -15.50 1.45
N MET A 391 -12.21 -15.84 0.43
CA MET A 391 -11.59 -14.82 -0.42
C MET A 391 -12.58 -13.73 -0.76
N ILE A 392 -13.84 -14.10 -1.01
CA ILE A 392 -14.84 -13.10 -1.33
C ILE A 392 -14.88 -12.03 -0.26
N PHE A 393 -15.03 -12.44 0.99
CA PHE A 393 -14.99 -11.51 2.12
C PHE A 393 -13.87 -10.51 1.95
N PHE A 394 -12.64 -10.99 1.73
CA PHE A 394 -11.51 -10.08 1.71
C PHE A 394 -11.63 -9.09 0.57
N MET A 395 -12.01 -9.55 -0.61
CA MET A 395 -12.13 -8.59 -1.69
C MET A 395 -13.22 -7.59 -1.39
N LEU A 396 -14.31 -8.02 -0.76
CA LEU A 396 -15.39 -7.09 -0.43
C LEU A 396 -14.90 -6.04 0.56
N VAL A 397 -13.99 -6.43 1.46
CA VAL A 397 -13.49 -5.47 2.44
C VAL A 397 -12.32 -4.66 1.90
N ILE A 398 -11.85 -4.97 0.70
CA ILE A 398 -10.82 -4.17 0.06
C ILE A 398 -11.42 -3.25 -0.99
N PHE A 399 -12.31 -3.78 -1.81
CA PHE A 399 -13.05 -2.98 -2.79
C PHE A 399 -13.89 -1.90 -2.14
N LEU A 400 -14.18 -2.04 -0.85
CA LEU A 400 -14.97 -1.09 -0.08
C LEU A 400 -14.27 -0.59 1.18
N GLY A 401 -13.67 -1.48 1.95
CA GLY A 401 -13.11 -1.03 3.22
C GLY A 401 -11.88 -0.19 3.03
N SER A 402 -10.81 -0.82 2.58
CA SER A 402 -9.56 -0.09 2.39
C SER A 402 -9.79 1.03 1.40
N PHE A 403 -10.03 0.66 0.14
CA PHE A 403 -10.07 1.65 -0.92
C PHE A 403 -11.09 2.74 -0.63
N TYR A 404 -12.34 2.37 -0.35
CA TYR A 404 -13.42 3.35 -0.35
C TYR A 404 -13.38 4.23 0.90
N LEU A 405 -13.23 3.64 2.09
CA LEU A 405 -13.16 4.46 3.30
C LEU A 405 -11.91 5.32 3.31
N VAL A 406 -10.77 4.74 2.93
CA VAL A 406 -9.54 5.52 2.91
C VAL A 406 -9.68 6.68 1.93
N ASN A 407 -10.24 6.42 0.75
CA ASN A 407 -10.42 7.45 -0.24
C ASN A 407 -11.42 8.50 0.21
N LEU A 408 -12.38 8.14 1.04
CA LEU A 408 -13.30 9.14 1.59
C LEU A 408 -12.57 10.07 2.55
N ILE A 409 -11.78 9.51 3.46
CA ILE A 409 -10.97 10.35 4.34
C ILE A 409 -10.07 11.26 3.51
N LEU A 410 -9.40 10.70 2.51
CA LEU A 410 -8.46 11.46 1.71
C LEU A 410 -9.16 12.56 0.94
N ALA A 411 -10.37 12.28 0.43
CA ALA A 411 -11.07 13.29 -0.35
C ALA A 411 -11.62 14.41 0.53
N VAL A 412 -11.99 14.11 1.77
CA VAL A 412 -12.44 15.23 2.59
C VAL A 412 -11.25 16.03 3.11
N VAL A 413 -10.09 15.40 3.30
CA VAL A 413 -8.89 16.19 3.61
C VAL A 413 -8.54 17.08 2.42
N ALA A 414 -8.61 16.53 1.21
CA ALA A 414 -8.34 17.33 0.03
C ALA A 414 -9.33 18.47 -0.11
N MET A 415 -10.58 18.25 0.31
CA MET A 415 -11.58 19.32 0.24
C MET A 415 -11.29 20.39 1.29
N ALA A 416 -10.88 19.98 2.50
CA ALA A 416 -10.48 20.97 3.50
C ALA A 416 -9.29 21.77 3.03
N TYR A 417 -8.34 21.12 2.36
CA TYR A 417 -7.19 21.83 1.82
C TYR A 417 -7.59 22.84 0.77
N GLU A 418 -8.39 22.41 -0.21
CA GLU A 418 -8.84 23.33 -1.23
C GLU A 418 -9.61 24.50 -0.62
N GLU A 419 -10.44 24.21 0.38
CA GLU A 419 -11.25 25.26 0.99
C GLU A 419 -10.39 26.26 1.74
N GLN A 420 -9.44 25.78 2.56
CA GLN A 420 -8.61 26.71 3.31
C GLN A 420 -7.70 27.51 2.37
N ASN A 421 -7.19 26.89 1.30
CA ASN A 421 -6.34 27.65 0.39
C ASN A 421 -7.12 28.71 -0.35
N GLN A 422 -8.35 28.41 -0.80
CA GLN A 422 -9.13 29.47 -1.41
C GLN A 422 -9.60 30.49 -0.38
N ALA A 423 -9.72 30.10 0.89
CA ALA A 423 -10.03 31.09 1.92
C ALA A 423 -8.88 32.07 2.11
N THR A 424 -7.64 31.57 2.11
CA THR A 424 -6.50 32.48 2.16
C THR A 424 -6.41 33.32 0.90
N ILE A 425 -6.73 32.75 -0.26
CA ILE A 425 -6.74 33.52 -1.49
C ILE A 425 -7.80 34.61 -1.45
N ALA A 426 -8.90 34.39 -0.74
CA ALA A 426 -9.91 35.42 -0.58
C ALA A 426 -9.47 36.47 0.44
N GLU A 427 -8.83 36.03 1.53
CA GLU A 427 -8.33 36.97 2.53
C GLU A 427 -7.26 37.89 1.93
N THR A 428 -6.47 37.36 1.00
CA THR A 428 -5.54 38.21 0.25
C THR A 428 -6.29 39.11 -0.72
N GLU A 429 -7.45 38.66 -1.21
CA GLU A 429 -8.25 39.45 -2.13
C GLU A 429 -8.97 40.61 -1.43
N GLU A 430 -8.87 40.70 -0.11
CA GLU A 430 -9.48 41.81 0.63
C GLU A 430 -8.65 43.08 0.47
N TRP A 507 46.21 44.67 -23.27
CA TRP A 507 45.46 43.66 -22.56
C TRP A 507 43.98 43.76 -22.90
N MET A 508 43.45 44.99 -22.93
CA MET A 508 42.08 45.20 -23.38
C MET A 508 41.91 44.79 -24.84
N SER A 509 42.98 44.82 -25.62
CA SER A 509 42.91 44.24 -26.97
C SER A 509 42.58 42.75 -26.89
N ILE A 510 43.17 42.06 -25.92
CA ILE A 510 42.86 40.64 -25.72
C ILE A 510 41.42 40.48 -25.23
N LYS A 511 40.92 41.42 -24.45
CA LYS A 511 39.50 41.41 -24.08
C LYS A 511 38.63 41.48 -25.32
N GLN A 512 38.91 42.42 -26.22
CA GLN A 512 38.18 42.51 -27.48
C GLN A 512 38.24 41.20 -28.25
N LYS A 513 39.44 40.63 -28.35
CA LYS A 513 39.60 39.41 -29.16
C LYS A 513 38.83 38.23 -28.55
N VAL A 514 38.92 38.05 -27.23
CA VAL A 514 38.24 36.92 -26.61
C VAL A 514 36.72 37.11 -26.68
N LYS A 515 36.23 38.34 -26.51
CA LYS A 515 34.79 38.54 -26.61
C LYS A 515 34.31 38.32 -28.04
N PHE A 516 35.15 38.62 -29.02
CA PHE A 516 34.80 38.32 -30.40
C PHE A 516 34.80 36.82 -30.66
N VAL A 517 35.71 36.08 -30.02
CA VAL A 517 35.73 34.63 -30.21
C VAL A 517 34.51 33.99 -29.56
N VAL A 518 34.05 34.52 -28.42
CA VAL A 518 32.97 33.89 -27.67
C VAL A 518 31.61 34.52 -27.97
N MET A 519 31.48 35.23 -29.10
CA MET A 519 30.20 35.83 -29.45
C MET A 519 29.11 34.77 -29.57
N ASP A 520 29.38 33.71 -30.34
CA ASP A 520 28.38 32.71 -30.69
C ASP A 520 28.77 31.36 -30.11
N PRO A 521 28.43 31.07 -28.86
CA PRO A 521 28.64 29.71 -28.35
C PRO A 521 27.77 28.74 -29.12
N PHE A 522 26.45 28.96 -29.11
CA PHE A 522 25.49 28.29 -29.98
C PHE A 522 25.58 26.75 -29.91
N ALA A 523 26.31 26.22 -28.93
CA ALA A 523 26.58 24.79 -28.86
C ALA A 523 26.11 24.19 -27.53
N ASP A 524 25.14 24.82 -26.88
CA ASP A 524 24.60 24.24 -25.66
C ASP A 524 23.88 22.93 -25.96
N LEU A 525 23.40 22.76 -27.19
CA LEU A 525 22.79 21.49 -27.56
C LEU A 525 23.83 20.37 -27.61
N THR A 526 25.03 20.68 -28.11
CA THR A 526 26.12 19.71 -28.01
C THR A 526 26.46 19.42 -26.57
N ILE A 527 26.26 20.40 -25.69
CA ILE A 527 26.52 20.18 -24.26
C ILE A 527 25.47 19.25 -23.66
N THR A 528 24.20 19.43 -24.02
CA THR A 528 23.18 18.49 -23.55
C THR A 528 23.44 17.10 -24.08
N MET A 529 23.88 17.00 -25.34
CA MET A 529 24.20 15.68 -25.88
C MET A 529 25.39 15.05 -25.17
N CYS A 530 26.38 15.86 -24.79
CA CYS A 530 27.52 15.31 -24.08
C CYS A 530 27.13 14.93 -22.65
N ILE A 531 26.16 15.63 -22.05
CA ILE A 531 25.65 15.23 -20.74
C ILE A 531 24.92 13.90 -20.85
N VAL A 532 24.07 13.75 -21.87
CA VAL A 532 23.38 12.49 -22.07
C VAL A 532 24.36 11.36 -22.28
N LEU A 533 25.39 11.60 -23.08
CA LEU A 533 26.41 10.57 -23.29
C LEU A 533 27.19 10.31 -22.01
N ASN A 534 27.31 11.32 -21.14
CA ASN A 534 28.04 11.12 -19.90
C ASN A 534 27.27 10.23 -18.95
N THR A 535 25.97 10.48 -18.80
CA THR A 535 25.17 9.60 -17.96
C THR A 535 25.09 8.20 -18.55
N LEU A 536 24.88 8.10 -19.87
CA LEU A 536 24.87 6.80 -20.53
C LEU A 536 26.20 6.09 -20.37
N PHE A 537 27.28 6.83 -20.29
CA PHE A 537 28.60 6.23 -20.14
C PHE A 537 28.81 5.76 -18.71
N MET A 538 28.35 6.54 -17.75
CA MET A 538 28.42 6.15 -16.34
C MET A 538 27.56 4.93 -16.07
N ALA A 539 26.44 4.80 -16.79
CA ALA A 539 25.51 3.70 -16.59
C ALA A 539 26.10 2.36 -17.02
N LEU A 540 27.14 2.35 -17.85
CA LEU A 540 27.71 1.09 -18.29
C LEU A 540 28.69 0.60 -17.25
N GLU A 541 28.30 0.64 -15.99
CA GLU A 541 29.08 0.10 -14.89
C GLU A 541 28.33 -1.07 -14.28
N HIS A 542 29.05 -2.13 -13.95
CA HIS A 542 28.38 -3.31 -13.44
C HIS A 542 29.30 -3.98 -12.42
N TYR A 543 28.93 -5.21 -12.05
CA TYR A 543 29.66 -5.90 -11.00
C TYR A 543 31.02 -6.37 -11.50
N ASN A 544 31.04 -7.31 -12.44
CA ASN A 544 32.30 -7.94 -12.85
C ASN A 544 32.82 -7.29 -14.12
N MET A 545 33.38 -6.10 -13.95
CA MET A 545 33.95 -5.37 -15.07
C MET A 545 35.41 -5.74 -15.25
N THR A 546 35.81 -5.94 -16.51
CA THR A 546 37.20 -6.19 -16.83
C THR A 546 38.03 -4.95 -16.55
N ALA A 547 39.34 -5.15 -16.45
CA ALA A 547 40.24 -4.05 -16.13
C ALA A 547 40.21 -3.00 -17.24
N GLU A 548 40.24 -3.44 -18.50
CA GLU A 548 40.27 -2.48 -19.60
C GLU A 548 38.96 -1.69 -19.68
N PHE A 549 37.83 -2.30 -19.33
CA PHE A 549 36.58 -1.56 -19.37
C PHE A 549 36.51 -0.55 -18.24
N GLU A 550 37.03 -0.89 -17.05
CA GLU A 550 37.11 0.09 -15.99
C GLU A 550 38.01 1.25 -16.38
N GLU A 551 39.17 0.96 -16.98
CA GLU A 551 40.06 2.04 -17.41
C GLU A 551 39.40 2.90 -18.48
N MET A 552 38.63 2.27 -19.37
CA MET A 552 37.94 3.02 -20.42
C MET A 552 36.91 3.96 -19.81
N LEU A 553 36.15 3.48 -18.82
CA LEU A 553 35.16 4.36 -18.18
C LEU A 553 35.84 5.49 -17.44
N GLN A 554 36.97 5.20 -16.79
CA GLN A 554 37.68 6.26 -16.09
C GLN A 554 38.18 7.31 -17.05
N VAL A 555 38.78 6.90 -18.16
CA VAL A 555 39.29 7.87 -19.14
C VAL A 555 38.14 8.66 -19.75
N GLY A 556 37.00 7.99 -19.98
CA GLY A 556 35.87 8.69 -20.54
C GLY A 556 35.32 9.76 -19.62
N ASN A 557 35.17 9.43 -18.33
CA ASN A 557 34.68 10.46 -17.41
C ASN A 557 35.75 11.52 -17.15
N LEU A 558 37.03 11.16 -17.28
CA LEU A 558 38.07 12.16 -17.21
C LEU A 558 37.95 13.17 -18.34
N VAL A 559 37.73 12.70 -19.57
CA VAL A 559 37.64 13.62 -20.69
C VAL A 559 36.32 14.39 -20.65
N PHE A 560 35.28 13.79 -20.07
CA PHE A 560 34.06 14.55 -19.86
C PHE A 560 34.28 15.66 -18.83
N THR A 561 35.00 15.36 -17.75
CA THR A 561 35.37 16.40 -16.80
C THR A 561 36.17 17.49 -17.48
N GLY A 562 37.06 17.09 -18.39
CA GLY A 562 37.80 18.08 -19.17
C GLY A 562 36.88 18.97 -19.98
N ILE A 563 35.92 18.37 -20.68
CA ILE A 563 34.96 19.14 -21.46
C ILE A 563 34.25 20.15 -20.58
N PHE A 564 33.75 19.69 -19.44
CA PHE A 564 32.93 20.56 -18.60
C PHE A 564 33.77 21.64 -17.94
N THR A 565 34.99 21.30 -17.51
CA THR A 565 35.89 22.30 -16.96
C THR A 565 36.24 23.36 -17.99
N ALA A 566 36.49 22.93 -19.23
CA ALA A 566 36.91 23.86 -20.27
C ALA A 566 35.79 24.81 -20.63
N GLU A 567 34.59 24.29 -20.86
CA GLU A 567 33.51 25.20 -21.20
C GLU A 567 33.01 25.97 -19.98
N MET A 568 33.28 25.50 -18.77
CA MET A 568 33.00 26.31 -17.59
C MET A 568 33.92 27.53 -17.54
N THR A 569 35.22 27.32 -17.65
CA THR A 569 36.14 28.46 -17.62
C THR A 569 35.96 29.34 -18.85
N PHE A 570 35.44 28.77 -19.95
CA PHE A 570 35.09 29.60 -21.08
C PHE A 570 33.87 30.45 -20.81
N LYS A 571 32.87 29.90 -20.12
CA LYS A 571 31.69 30.68 -19.79
C LYS A 571 31.97 31.69 -18.70
N ILE A 572 33.04 31.49 -17.92
CA ILE A 572 33.45 32.54 -16.98
C ILE A 572 33.92 33.77 -17.74
N ILE A 573 34.67 33.57 -18.82
CA ILE A 573 35.21 34.69 -19.59
C ILE A 573 34.36 35.04 -20.79
N ALA A 574 33.28 34.29 -21.04
CA ALA A 574 32.45 34.56 -22.21
C ALA A 574 31.57 35.78 -22.02
N LEU A 575 30.95 35.91 -20.84
CA LEU A 575 30.10 37.06 -20.59
C LEU A 575 30.64 37.96 -19.49
N ASP A 576 30.70 37.46 -18.25
CA ASP A 576 31.22 38.18 -17.09
C ASP A 576 31.17 37.28 -15.87
N PRO A 577 32.18 37.28 -15.00
CA PRO A 577 32.01 36.57 -13.72
C PRO A 577 30.82 37.05 -12.93
N TYR A 578 30.28 38.24 -13.22
CA TYR A 578 29.03 38.65 -12.61
C TYR A 578 27.85 37.89 -13.21
N TYR A 579 27.99 37.40 -14.44
CA TYR A 579 26.97 36.50 -15.00
C TYR A 579 26.93 35.18 -14.26
N TYR A 580 28.10 34.57 -14.02
CA TYR A 580 28.15 33.37 -13.20
C TYR A 580 27.67 33.65 -11.79
N PHE A 581 27.96 34.83 -11.27
CA PHE A 581 27.38 35.24 -9.99
C PHE A 581 25.86 35.38 -10.09
N GLN A 582 25.33 35.57 -11.30
CA GLN A 582 23.91 35.87 -11.47
C GLN A 582 23.05 34.61 -11.51
N GLN A 583 23.27 33.74 -12.49
CA GLN A 583 22.29 32.71 -12.83
C GLN A 583 22.48 31.44 -12.01
N GLY A 584 21.36 30.78 -11.69
CA GLY A 584 21.42 29.62 -10.82
C GLY A 584 21.94 28.38 -11.53
N TRP A 585 21.61 28.22 -12.82
CA TRP A 585 22.15 27.10 -13.56
C TRP A 585 23.66 27.15 -13.61
N ASN A 586 24.21 28.34 -13.86
CA ASN A 586 25.66 28.48 -13.96
C ASN A 586 26.33 28.23 -12.62
N ILE A 587 25.73 28.69 -11.54
CA ILE A 587 26.23 28.36 -10.21
C ILE A 587 26.21 26.85 -10.01
N PHE A 588 25.16 26.19 -10.49
CA PHE A 588 25.03 24.75 -10.29
C PHE A 588 26.13 23.98 -11.05
N ASP A 589 26.37 24.36 -12.31
CA ASP A 589 27.43 23.67 -13.04
C ASP A 589 28.79 24.01 -12.45
N SER A 590 28.98 25.22 -11.95
CA SER A 590 30.23 25.52 -11.26
C SER A 590 30.43 24.62 -10.05
N ILE A 591 29.35 24.38 -9.30
CA ILE A 591 29.43 23.51 -8.14
C ILE A 591 29.82 22.10 -8.56
N ILE A 592 29.20 21.60 -9.64
CA ILE A 592 29.53 20.23 -10.02
C ILE A 592 30.94 20.15 -10.60
N VAL A 593 31.42 21.23 -11.23
CA VAL A 593 32.81 21.25 -11.70
C VAL A 593 33.77 21.20 -10.53
N ILE A 594 33.53 22.00 -9.50
CA ILE A 594 34.40 21.98 -8.33
C ILE A 594 34.35 20.60 -7.67
N LEU A 595 33.17 20.01 -7.61
CA LEU A 595 33.05 18.68 -7.02
C LEU A 595 33.77 17.64 -7.86
N SER A 596 33.76 17.79 -9.19
CA SER A 596 34.46 16.84 -10.03
C SER A 596 35.97 16.96 -9.86
N LEU A 597 36.49 18.19 -9.80
CA LEU A 597 37.91 18.35 -9.52
C LEU A 597 38.26 17.83 -8.14
N MET A 598 37.33 17.92 -7.19
CA MET A 598 37.54 17.28 -5.91
C MET A 598 37.65 15.77 -6.05
N GLU A 599 36.79 15.16 -6.87
CA GLU A 599 36.96 13.73 -7.17
C GLU A 599 38.35 13.45 -7.68
N LEU A 600 38.85 14.31 -8.58
CA LEU A 600 40.21 14.15 -9.07
C LEU A 600 41.25 14.44 -8.01
N GLY A 601 40.85 14.91 -6.82
CA GLY A 601 41.78 15.17 -5.75
C GLY A 601 41.83 14.05 -4.72
N SER A 609 33.19 6.16 -1.76
CA SER A 609 32.38 5.69 -2.89
C SER A 609 31.29 6.70 -3.20
N VAL A 610 30.81 7.40 -2.16
CA VAL A 610 29.69 8.34 -2.31
C VAL A 610 30.04 9.54 -3.16
N LEU A 611 31.32 9.89 -3.26
CA LEU A 611 31.70 11.20 -3.77
C LEU A 611 31.72 11.20 -5.30
N ARG A 612 31.97 10.04 -5.92
CA ARG A 612 31.96 9.96 -7.37
C ARG A 612 30.61 10.30 -7.97
N SER A 613 29.54 10.20 -7.20
CA SER A 613 28.20 10.28 -7.78
C SER A 613 27.76 11.70 -8.09
N PHE A 614 28.50 12.72 -7.65
CA PHE A 614 28.02 14.09 -7.82
C PHE A 614 27.99 14.53 -9.26
N ARG A 615 28.61 13.77 -10.18
CA ARG A 615 28.45 14.07 -11.59
C ARG A 615 27.02 13.87 -12.05
N LEU A 616 26.29 13.00 -11.36
CA LEU A 616 24.96 12.62 -11.80
C LEU A 616 24.00 13.79 -11.88
N LEU A 617 24.13 14.77 -10.99
CA LEU A 617 23.26 15.94 -11.05
C LEU A 617 23.39 16.66 -12.38
N ARG A 618 24.44 16.39 -13.14
CA ARG A 618 24.57 16.99 -14.47
C ARG A 618 23.41 16.59 -15.36
N VAL A 619 22.81 15.42 -15.14
CA VAL A 619 21.67 15.03 -15.96
C VAL A 619 20.50 15.97 -15.73
N PHE A 620 20.45 16.60 -14.55
CA PHE A 620 19.41 17.60 -14.33
C PHE A 620 19.52 18.78 -15.28
N LYS A 621 20.67 18.96 -15.92
CA LYS A 621 20.78 20.00 -16.93
C LYS A 621 19.84 19.77 -18.10
N LEU A 622 19.31 18.56 -18.26
CA LEU A 622 18.30 18.36 -19.30
C LEU A 622 16.97 19.02 -18.96
N ALA A 623 16.83 19.58 -17.77
CA ALA A 623 15.54 20.12 -17.35
C ALA A 623 15.10 21.29 -18.20
N LYS A 624 16.03 22.05 -18.78
CA LYS A 624 15.65 23.23 -19.53
C LYS A 624 14.94 22.87 -20.84
N SER A 625 15.19 21.67 -21.36
CA SER A 625 14.57 21.22 -22.61
C SER A 625 13.56 20.11 -22.39
N TRP A 626 13.38 19.63 -21.17
CA TRP A 626 12.47 18.54 -20.86
C TRP A 626 11.48 19.03 -19.83
N PRO A 627 10.38 19.64 -20.25
CA PRO A 627 9.53 20.39 -19.32
C PRO A 627 9.02 19.58 -18.14
N THR A 628 8.77 18.29 -18.29
CA THR A 628 8.33 17.53 -17.14
C THR A 628 9.44 17.37 -16.12
N LEU A 629 10.70 17.36 -16.56
CA LEU A 629 11.78 17.30 -15.59
C LEU A 629 11.85 18.59 -14.78
N ASN A 630 11.64 19.74 -15.42
CA ASN A 630 11.60 20.95 -14.63
C ASN A 630 10.33 21.05 -13.81
N THR A 631 9.27 20.35 -14.18
CA THR A 631 8.12 20.25 -13.27
C THR A 631 8.49 19.46 -12.01
N LEU A 632 9.24 18.37 -12.18
CA LEU A 632 9.75 17.65 -11.01
C LEU A 632 10.60 18.55 -10.14
N ILE A 633 11.51 19.32 -10.74
CA ILE A 633 12.38 20.14 -9.91
C ILE A 633 11.61 21.31 -9.30
N LYS A 634 10.54 21.76 -9.97
CA LYS A 634 9.66 22.75 -9.34
C LYS A 634 9.00 22.17 -8.11
N ILE A 635 8.58 20.91 -8.18
CA ILE A 635 8.02 20.25 -7.00
C ILE A 635 9.05 20.19 -5.88
N ILE A 636 10.26 19.71 -6.19
CA ILE A 636 11.28 19.58 -5.15
C ILE A 636 11.68 20.95 -4.60
N GLY A 637 11.57 21.99 -5.40
CA GLY A 637 11.89 23.33 -4.97
C GLY A 637 10.81 23.96 -4.12
N ASN A 638 9.56 23.56 -4.33
CA ASN A 638 8.51 23.95 -3.40
C ASN A 638 8.59 23.18 -2.09
N SER A 639 9.04 21.93 -2.12
CA SER A 639 9.09 21.14 -0.90
C SER A 639 9.92 21.82 0.17
N VAL A 640 10.95 22.56 -0.23
CA VAL A 640 11.80 23.31 0.70
C VAL A 640 11.80 24.79 0.38
N GLY A 641 10.88 25.25 -0.46
CA GLY A 641 10.83 26.66 -0.80
C GLY A 641 9.59 27.35 -0.28
N ALA A 642 8.60 27.57 -1.15
CA ALA A 642 7.36 28.20 -0.73
C ALA A 642 6.63 27.39 0.33
N LEU A 643 6.91 26.09 0.41
CA LEU A 643 6.37 25.20 1.43
C LEU A 643 7.46 24.68 2.35
N GLY A 644 8.43 25.53 2.69
CA GLY A 644 9.46 25.11 3.61
C GLY A 644 8.94 24.90 5.01
N ASN A 645 7.89 25.64 5.38
CA ASN A 645 7.38 25.53 6.74
C ASN A 645 6.64 24.22 6.96
N LEU A 646 5.87 23.76 5.97
CA LEU A 646 5.23 22.45 6.11
C LEU A 646 6.26 21.34 6.27
N THR A 647 7.29 21.36 5.44
CA THR A 647 8.35 20.36 5.57
C THR A 647 9.05 20.48 6.90
N LEU A 648 9.26 21.70 7.39
CA LEU A 648 9.95 21.86 8.67
C LEU A 648 9.08 21.37 9.82
N VAL A 649 7.79 21.66 9.77
CA VAL A 649 6.87 21.13 10.77
C VAL A 649 6.91 19.61 10.78
N LEU A 650 6.87 18.99 9.60
CA LEU A 650 6.94 17.55 9.53
C LEU A 650 8.27 17.05 10.08
N ALA A 651 9.34 17.77 9.84
CA ALA A 651 10.65 17.36 10.33
C ALA A 651 10.69 17.36 11.85
N ILE A 652 10.22 18.44 12.47
CA ILE A 652 10.23 18.47 13.93
C ILE A 652 9.20 17.52 14.52
N ILE A 653 8.15 17.18 13.78
CA ILE A 653 7.20 16.19 14.28
C ILE A 653 7.82 14.80 14.27
N VAL A 654 8.54 14.45 13.21
CA VAL A 654 9.26 13.19 13.20
C VAL A 654 10.33 13.19 14.28
N PHE A 655 10.94 14.34 14.55
CA PHE A 655 11.94 14.42 15.62
C PHE A 655 11.29 14.23 16.99
N ILE A 656 10.18 14.91 17.23
CA ILE A 656 9.46 14.76 18.49
C ILE A 656 9.05 13.31 18.70
N PHE A 657 8.48 12.69 17.66
CA PHE A 657 8.03 11.32 17.78
C PHE A 657 9.20 10.38 18.01
N ALA A 658 10.34 10.64 17.36
CA ALA A 658 11.49 9.78 17.54
C ALA A 658 12.01 9.86 18.96
N VAL A 659 12.18 11.06 19.51
CA VAL A 659 12.72 11.13 20.86
C VAL A 659 11.67 10.72 21.90
N VAL A 660 10.39 11.00 21.66
CA VAL A 660 9.35 10.53 22.57
C VAL A 660 9.35 9.01 22.64
N GLY A 661 9.37 8.36 21.47
CA GLY A 661 9.43 6.92 21.45
C GLY A 661 10.69 6.37 22.06
N MET A 662 11.82 7.06 21.89
CA MET A 662 13.05 6.51 22.45
C MET A 662 13.08 6.65 23.96
N GLN A 663 12.58 7.76 24.49
CA GLN A 663 12.54 7.86 25.95
C GLN A 663 11.50 6.94 26.55
N LEU A 664 10.36 6.76 25.89
CA LEU A 664 9.32 5.85 26.39
C LEU A 664 9.73 4.39 26.29
N PHE A 665 10.48 4.00 25.26
CA PHE A 665 10.68 2.59 24.97
C PHE A 665 12.14 2.16 24.93
N GLY A 666 13.09 3.00 25.31
CA GLY A 666 14.47 2.64 25.13
C GLY A 666 14.91 1.51 26.04
N LYS A 667 14.66 1.66 27.35
CA LYS A 667 15.05 0.62 28.29
C LYS A 667 14.31 -0.68 28.03
N ASN A 668 13.06 -0.59 27.59
CA ASN A 668 12.30 -1.78 27.23
C ASN A 668 12.94 -2.48 26.04
N TYR A 669 13.14 -1.75 24.94
CA TYR A 669 13.79 -2.32 23.77
C TYR A 669 15.16 -2.87 24.10
N SER A 670 15.85 -2.32 25.09
CA SER A 670 17.22 -2.71 25.37
C SER A 670 17.33 -3.89 26.33
N GLU A 671 16.44 -3.98 27.32
CA GLU A 671 16.57 -5.05 28.31
C GLU A 671 15.87 -6.32 27.85
N LEU A 672 14.63 -6.20 27.39
CA LEU A 672 13.81 -7.36 27.03
C LEU A 672 13.95 -7.73 25.56
N ARG A 673 15.09 -7.42 24.94
CA ARG A 673 15.31 -7.76 23.55
C ARG A 673 15.25 -9.26 23.31
N HIS A 674 15.48 -10.07 24.35
CA HIS A 674 15.43 -11.52 24.16
C HIS A 674 14.04 -11.97 23.72
N ARG A 675 13.01 -11.21 24.06
CA ARG A 675 11.64 -11.50 23.66
C ARG A 675 11.25 -10.78 22.38
N ILE A 676 12.22 -10.30 21.60
CA ILE A 676 11.94 -9.54 20.40
C ILE A 676 12.82 -9.95 19.22
N SER A 677 13.73 -10.90 19.43
CA SER A 677 14.61 -11.39 18.38
C SER A 677 14.80 -12.88 18.55
N ASP A 678 15.47 -13.50 17.57
CA ASP A 678 15.65 -14.94 17.58
C ASP A 678 16.47 -15.38 18.80
N SER A 679 17.74 -14.97 18.84
CA SER A 679 18.67 -15.35 19.89
C SER A 679 19.29 -14.08 20.46
N GLY A 680 20.33 -14.24 21.29
CA GLY A 680 21.03 -13.08 21.79
C GLY A 680 21.59 -12.28 20.64
N LEU A 681 20.87 -11.23 20.27
CA LEU A 681 21.08 -10.51 19.02
C LEU A 681 20.09 -9.36 19.00
N LEU A 682 20.38 -8.37 18.18
CA LEU A 682 19.56 -7.18 18.17
C LEU A 682 18.39 -7.32 17.20
N PRO A 683 17.35 -6.51 17.35
CA PRO A 683 16.34 -6.40 16.30
C PRO A 683 16.81 -5.45 15.22
N ARG A 684 16.33 -5.68 14.00
CA ARG A 684 16.63 -4.72 12.96
C ARG A 684 15.98 -3.38 13.23
N TRP A 685 14.85 -3.36 13.92
CA TRP A 685 14.11 -2.15 14.18
C TRP A 685 13.85 -2.05 15.67
N HIS A 686 14.19 -0.91 16.25
CA HIS A 686 14.00 -0.66 17.67
C HIS A 686 13.99 0.85 17.87
N MET A 687 14.04 1.28 19.12
CA MET A 687 14.01 2.70 19.46
C MET A 687 15.04 3.03 20.54
N MET A 688 16.10 2.23 20.66
CA MET A 688 17.09 2.54 21.67
C MET A 688 17.94 3.74 21.29
N ASP A 689 18.35 3.85 20.03
CA ASP A 689 19.10 5.00 19.55
C ASP A 689 18.15 6.00 18.92
N PHE A 690 18.64 7.21 18.69
CA PHE A 690 17.77 8.16 18.03
C PHE A 690 17.62 7.84 16.57
N PHE A 691 18.67 7.33 15.93
CA PHE A 691 18.59 7.03 14.51
C PHE A 691 17.57 5.92 14.25
N HIS A 692 17.60 4.88 15.07
CA HIS A 692 16.64 3.81 14.90
C HIS A 692 15.22 4.24 15.27
N ALA A 693 15.07 5.15 16.22
CA ALA A 693 13.74 5.69 16.49
C ALA A 693 13.23 6.48 15.30
N PHE A 694 14.10 7.30 14.71
CA PHE A 694 13.74 7.99 13.48
C PHE A 694 13.38 7.01 12.39
N LEU A 695 14.05 5.85 12.36
CA LEU A 695 13.76 4.88 11.32
C LEU A 695 12.42 4.21 11.55
N ILE A 696 12.07 3.91 12.80
CA ILE A 696 10.75 3.38 13.10
C ILE A 696 9.67 4.37 12.69
N ILE A 697 9.86 5.63 13.03
CA ILE A 697 8.87 6.64 12.66
C ILE A 697 8.75 6.75 11.16
N PHE A 698 9.89 6.73 10.46
CA PHE A 698 9.86 6.88 9.02
C PHE A 698 9.18 5.69 8.36
N ARG A 699 9.46 4.48 8.85
CA ARG A 699 8.81 3.28 8.35
C ARG A 699 7.30 3.35 8.56
N ILE A 700 6.89 3.76 9.76
CA ILE A 700 5.46 4.01 10.02
C ILE A 700 4.89 4.96 8.99
N LEU A 701 5.59 6.04 8.72
CA LEU A 701 5.10 7.00 7.72
C LEU A 701 4.97 6.33 6.36
N CYS A 702 5.83 5.35 6.08
CA CYS A 702 5.77 4.60 4.83
C CYS A 702 4.58 3.67 4.76
N GLY A 703 4.03 3.29 5.91
CA GLY A 703 2.81 2.50 5.94
C GLY A 703 2.96 1.18 6.65
N GLU A 704 4.06 1.00 7.37
CA GLU A 704 4.35 -0.27 8.03
C GLU A 704 4.42 -0.06 9.54
N TRP A 705 3.27 -0.06 10.18
CA TRP A 705 3.17 0.18 11.61
C TRP A 705 2.78 -1.04 12.41
N ILE A 706 2.24 -2.08 11.77
CA ILE A 706 1.74 -3.21 12.55
C ILE A 706 2.87 -4.13 12.95
N GLU A 707 3.88 -4.31 12.09
CA GLU A 707 4.86 -5.35 12.31
C GLU A 707 5.87 -4.95 13.39
N THR A 708 6.16 -3.66 13.50
CA THR A 708 6.96 -3.19 14.60
C THR A 708 6.13 -2.87 15.83
N MET A 709 4.85 -2.59 15.67
CA MET A 709 3.99 -2.45 16.84
C MET A 709 3.84 -3.77 17.57
N TRP A 710 3.77 -4.89 16.85
CA TRP A 710 3.75 -6.18 17.52
C TRP A 710 4.95 -6.33 18.43
N ASP A 711 6.15 -6.02 17.91
CA ASP A 711 7.38 -6.17 18.68
C ASP A 711 7.43 -5.19 19.85
N CYS A 712 7.00 -3.96 19.63
CA CYS A 712 6.94 -2.98 20.72
C CYS A 712 6.03 -3.44 21.83
N MET A 713 4.79 -3.79 21.50
CA MET A 713 3.87 -4.29 22.51
C MET A 713 4.39 -5.57 23.14
N GLU A 714 5.20 -6.34 22.41
CA GLU A 714 5.79 -7.53 22.98
C GLU A 714 6.85 -7.20 24.01
N VAL A 715 7.49 -6.04 23.86
CA VAL A 715 8.58 -5.65 24.74
C VAL A 715 8.16 -4.60 25.77
N SER A 716 7.16 -3.77 25.47
CA SER A 716 6.90 -2.57 26.25
C SER A 716 5.56 -2.61 26.99
N GLY A 717 4.47 -2.78 26.26
CA GLY A 717 3.17 -2.78 26.91
C GLY A 717 2.06 -2.26 26.02
N GLN A 718 0.95 -2.99 25.98
CA GLN A 718 -0.05 -2.78 24.92
C GLN A 718 -0.68 -1.41 24.99
N SER A 719 -1.08 -0.96 26.18
CA SER A 719 -1.82 0.30 26.28
C SER A 719 -0.99 1.45 25.71
N LEU A 720 0.21 1.64 26.27
CA LEU A 720 1.06 2.77 25.91
C LEU A 720 1.57 2.65 24.48
N CYS A 721 2.02 1.46 24.09
CA CYS A 721 2.55 1.26 22.75
C CYS A 721 1.47 1.46 21.69
N LEU A 722 0.29 0.90 21.91
CA LEU A 722 -0.83 1.12 21.02
C LEU A 722 -1.12 2.60 20.91
N LEU A 723 -1.21 3.28 22.06
CA LEU A 723 -1.48 4.72 22.06
C LEU A 723 -0.49 5.49 21.21
N VAL A 724 0.81 5.27 21.44
CA VAL A 724 1.82 6.07 20.76
C VAL A 724 1.92 5.71 19.29
N PHE A 725 1.87 4.42 18.93
CA PHE A 725 2.00 4.06 17.51
C PHE A 725 0.77 4.49 16.72
N LEU A 726 -0.41 4.38 17.30
CA LEU A 726 -1.60 4.87 16.61
C LEU A 726 -1.59 6.38 16.50
N LEU A 727 -1.08 7.08 17.53
CA LEU A 727 -0.97 8.53 17.43
C LEU A 727 0.04 8.93 16.36
N VAL A 728 1.19 8.27 16.34
CA VAL A 728 2.20 8.50 15.30
C VAL A 728 1.57 8.31 13.93
N MET A 729 0.94 7.15 13.71
CA MET A 729 0.35 6.87 12.41
C MET A 729 -0.67 7.93 12.01
N VAL A 730 -1.64 8.20 12.90
CA VAL A 730 -2.69 9.17 12.56
C VAL A 730 -2.10 10.54 12.28
N ILE A 731 -1.34 11.09 13.22
CA ILE A 731 -0.82 12.44 13.09
C ILE A 731 0.17 12.55 11.93
N GLY A 732 1.11 11.61 11.85
CA GLY A 732 2.11 11.67 10.81
C GLY A 732 1.53 11.48 9.42
N ASN A 733 0.65 10.49 9.24
CA ASN A 733 0.00 10.32 7.96
C ASN A 733 -0.86 11.52 7.62
N LEU A 734 -1.44 12.17 8.62
CA LEU A 734 -2.23 13.37 8.35
C LEU A 734 -1.36 14.50 7.84
N VAL A 735 -0.23 14.75 8.50
CA VAL A 735 0.63 15.86 8.09
C VAL A 735 1.37 15.53 6.80
N VAL A 736 1.69 14.25 6.55
CA VAL A 736 2.30 13.86 5.29
C VAL A 736 1.29 14.04 4.15
N LEU A 737 0.04 13.65 4.37
CA LEU A 737 -0.98 13.92 3.38
C LEU A 737 -1.14 15.42 3.17
N ASN A 738 -0.99 16.20 4.23
CA ASN A 738 -1.07 17.65 4.08
C ASN A 738 0.01 18.16 3.15
N LEU A 739 1.26 17.75 3.38
CA LEU A 739 2.36 18.16 2.53
C LEU A 739 2.17 17.67 1.10
N PHE A 740 1.74 16.41 0.94
CA PHE A 740 1.50 15.84 -0.38
C PHE A 740 0.49 16.68 -1.15
N LEU A 741 -0.68 16.91 -0.56
CA LEU A 741 -1.70 17.69 -1.23
C LEU A 741 -1.25 19.12 -1.48
N ALA A 742 -0.48 19.69 -0.55
CA ALA A 742 -0.01 21.06 -0.75
C ALA A 742 0.97 21.15 -1.91
N LEU A 743 1.83 20.15 -2.05
CA LEU A 743 2.70 20.08 -3.22
C LEU A 743 1.88 19.96 -4.50
N LEU A 744 0.87 19.09 -4.48
CA LEU A 744 0.04 18.91 -5.66
C LEU A 744 -0.70 20.18 -6.02
N LEU A 745 -1.10 20.96 -5.02
CA LEU A 745 -1.85 22.17 -5.29
C LEU A 745 -0.94 23.31 -5.73
N SER A 746 0.27 23.37 -5.19
CA SER A 746 1.22 24.42 -5.59
C SER A 746 1.73 24.21 -7.00
N SER A 747 1.72 22.98 -7.51
CA SER A 747 2.15 22.68 -8.86
C SER A 747 0.99 22.66 -9.85
N PHE A 748 -0.12 23.30 -9.52
CA PHE A 748 -1.25 23.39 -10.43
C PHE A 748 -1.37 24.80 -11.01
N GLY A 872 -24.16 -9.72 -63.32
CA GLY A 872 -22.93 -9.17 -62.79
C GLY A 872 -23.01 -8.79 -61.33
N LYS A 873 -24.21 -8.38 -60.90
CA LYS A 873 -24.45 -7.96 -59.52
C LYS A 873 -24.60 -9.13 -58.55
N VAL A 874 -24.42 -10.36 -59.03
CA VAL A 874 -24.48 -11.51 -58.13
C VAL A 874 -23.35 -11.46 -57.11
N TRP A 875 -22.20 -10.90 -57.50
CA TRP A 875 -21.12 -10.69 -56.55
C TRP A 875 -21.52 -9.70 -55.47
N TRP A 876 -22.08 -8.55 -55.88
CA TRP A 876 -22.57 -7.59 -54.90
C TRP A 876 -23.75 -8.14 -54.11
N ARG A 877 -24.55 -9.01 -54.72
CA ARG A 877 -25.63 -9.65 -53.97
C ARG A 877 -25.08 -10.55 -52.87
N LEU A 878 -24.06 -11.35 -53.20
CA LEU A 878 -23.41 -12.17 -52.18
C LEU A 878 -22.79 -11.31 -51.09
N ARG A 879 -22.17 -10.20 -51.49
CA ARG A 879 -21.54 -9.33 -50.51
C ARG A 879 -22.55 -8.74 -49.55
N LYS A 880 -23.70 -8.29 -50.06
CA LYS A 880 -24.73 -7.79 -49.15
C LYS A 880 -25.38 -8.93 -48.37
N THR A 881 -25.33 -10.15 -48.89
CA THR A 881 -25.77 -11.29 -48.10
C THR A 881 -24.88 -11.48 -46.87
N CYS A 882 -23.56 -11.40 -47.06
CA CYS A 882 -22.66 -11.48 -45.91
C CYS A 882 -22.80 -10.26 -45.01
N TYR A 883 -23.05 -9.09 -45.60
CA TYR A 883 -23.28 -7.89 -44.80
C TYR A 883 -24.51 -8.07 -43.91
N ARG A 884 -25.50 -8.81 -44.40
CA ARG A 884 -26.65 -9.13 -43.57
C ARG A 884 -26.31 -10.19 -42.52
N ILE A 885 -25.51 -11.19 -42.91
CA ILE A 885 -25.20 -12.27 -41.99
C ILE A 885 -24.26 -11.83 -40.87
N VAL A 886 -23.55 -10.72 -41.04
CA VAL A 886 -22.67 -10.27 -39.96
C VAL A 886 -23.37 -9.30 -39.03
N GLU A 887 -24.30 -8.50 -39.53
CA GLU A 887 -25.00 -7.55 -38.67
C GLU A 887 -26.18 -8.18 -37.93
N HIS A 888 -26.52 -9.42 -38.24
CA HIS A 888 -27.57 -10.10 -37.51
C HIS A 888 -27.16 -10.26 -36.05
N SER A 889 -28.05 -9.88 -35.13
CA SER A 889 -27.71 -9.89 -33.71
C SER A 889 -27.37 -11.30 -33.24
N TRP A 890 -28.07 -12.30 -33.74
CA TRP A 890 -27.77 -13.68 -33.32
C TRP A 890 -26.35 -14.05 -33.68
N PHE A 891 -25.81 -13.53 -34.78
CA PHE A 891 -24.43 -13.81 -35.14
C PHE A 891 -23.47 -13.21 -34.11
N GLU A 892 -23.72 -11.97 -33.70
CA GLU A 892 -22.85 -11.32 -32.72
C GLU A 892 -22.91 -12.05 -31.38
N THR A 893 -24.10 -12.43 -30.93
CA THR A 893 -24.17 -13.18 -29.68
C THR A 893 -23.50 -14.55 -29.82
N PHE A 894 -23.58 -15.15 -31.00
CA PHE A 894 -22.90 -16.42 -31.23
C PHE A 894 -21.39 -16.27 -31.05
N ILE A 895 -20.81 -15.28 -31.71
CA ILE A 895 -19.35 -15.12 -31.62
C ILE A 895 -18.93 -14.68 -30.23
N ILE A 896 -19.78 -13.93 -29.53
CA ILE A 896 -19.48 -13.62 -28.13
C ILE A 896 -19.45 -14.88 -27.30
N PHE A 897 -20.42 -15.77 -27.52
CA PHE A 897 -20.43 -17.03 -26.78
C PHE A 897 -19.21 -17.87 -27.10
N MET A 898 -18.76 -17.85 -28.36
CA MET A 898 -17.55 -18.59 -28.71
C MET A 898 -16.33 -17.99 -28.03
N ILE A 899 -16.25 -16.66 -27.97
CA ILE A 899 -15.17 -16.00 -27.23
C ILE A 899 -15.14 -16.48 -25.78
N LEU A 900 -16.28 -16.39 -25.11
CA LEU A 900 -16.36 -16.75 -23.69
C LEU A 900 -16.05 -18.22 -23.48
N LEU A 901 -16.60 -19.08 -24.34
CA LEU A 901 -16.35 -20.51 -24.24
C LEU A 901 -14.88 -20.82 -24.45
N SER A 902 -14.23 -20.11 -25.38
CA SER A 902 -12.83 -20.37 -25.66
C SER A 902 -11.93 -19.93 -24.51
N SER A 903 -12.22 -18.77 -23.92
CA SER A 903 -11.47 -18.35 -22.75
C SER A 903 -11.68 -19.31 -21.57
N GLY A 904 -12.93 -19.64 -21.28
CA GLY A 904 -13.19 -20.64 -20.26
C GLY A 904 -12.46 -21.94 -20.52
N ALA A 905 -12.35 -22.33 -21.79
CA ALA A 905 -11.56 -23.50 -22.13
C ALA A 905 -10.09 -23.28 -21.78
N LEU A 906 -9.61 -22.05 -21.97
CA LEU A 906 -8.25 -21.72 -21.55
C LEU A 906 -8.07 -21.97 -20.06
N ALA A 907 -9.08 -21.68 -19.27
CA ALA A 907 -8.96 -21.85 -17.81
C ALA A 907 -8.79 -23.30 -17.40
N PHE A 908 -9.06 -24.26 -18.28
CA PHE A 908 -8.98 -25.68 -17.94
C PHE A 908 -7.58 -26.25 -18.15
N GLU A 909 -6.59 -25.39 -18.34
CA GLU A 909 -5.26 -25.81 -18.79
C GLU A 909 -4.27 -25.90 -17.64
N ASP A 910 -4.71 -26.38 -16.49
CA ASP A 910 -3.87 -26.44 -15.31
C ASP A 910 -2.95 -27.65 -15.39
N ILE A 911 -2.34 -28.02 -14.26
CA ILE A 911 -1.37 -29.12 -14.24
C ILE A 911 -2.03 -30.48 -14.17
N TYR A 912 -3.37 -30.55 -14.16
CA TYR A 912 -4.07 -31.82 -14.03
C TYR A 912 -4.56 -32.37 -15.36
N LEU A 913 -4.22 -31.72 -16.48
CA LEU A 913 -4.64 -32.25 -17.77
C LEU A 913 -3.94 -33.57 -18.08
N GLU A 914 -2.76 -33.79 -17.50
CA GLU A 914 -2.03 -35.03 -17.72
C GLU A 914 -2.85 -36.26 -17.36
N GLU A 915 -3.67 -36.19 -16.31
CA GLU A 915 -4.49 -37.32 -15.92
C GLU A 915 -5.91 -37.19 -16.45
N ARG A 916 -6.32 -36.00 -16.85
CA ARG A 916 -7.62 -35.81 -17.49
C ARG A 916 -7.49 -36.23 -18.94
N LYS A 917 -7.82 -37.48 -19.23
CA LYS A 917 -7.65 -38.00 -20.58
C LYS A 917 -8.78 -37.59 -21.50
N THR A 918 -10.02 -37.67 -21.01
CA THR A 918 -11.15 -37.34 -21.86
C THR A 918 -11.15 -35.86 -22.24
N ILE A 919 -11.04 -34.97 -21.26
CA ILE A 919 -11.13 -33.56 -21.55
C ILE A 919 -9.89 -33.06 -22.29
N LYS A 920 -8.79 -33.82 -22.26
CA LYS A 920 -7.65 -33.47 -23.10
C LYS A 920 -8.04 -33.42 -24.57
N VAL A 921 -8.54 -34.54 -25.10
CA VAL A 921 -8.92 -34.57 -26.51
C VAL A 921 -10.15 -33.72 -26.76
N LEU A 922 -11.05 -33.64 -25.76
CA LEU A 922 -12.18 -32.72 -25.88
C LEU A 922 -11.69 -31.30 -26.17
N LEU A 923 -10.71 -30.84 -25.38
CA LEU A 923 -10.20 -29.49 -25.57
C LEU A 923 -9.40 -29.36 -26.85
N GLU A 924 -8.74 -30.43 -27.29
CA GLU A 924 -8.09 -30.39 -28.60
C GLU A 924 -9.09 -30.09 -29.71
N TYR A 925 -10.18 -30.86 -29.75
CA TYR A 925 -11.18 -30.65 -30.80
C TYR A 925 -11.86 -29.31 -30.65
N ALA A 926 -12.13 -28.89 -29.41
CA ALA A 926 -12.73 -27.58 -29.20
C ALA A 926 -11.80 -26.48 -29.70
N ASP A 927 -10.50 -26.64 -29.49
CA ASP A 927 -9.54 -25.64 -29.93
C ASP A 927 -9.52 -25.53 -31.44
N LYS A 928 -9.51 -26.67 -32.14
CA LYS A 928 -9.50 -26.58 -33.60
C LYS A 928 -10.83 -26.02 -34.11
N MET A 929 -11.94 -26.38 -33.48
CA MET A 929 -13.22 -25.79 -33.85
C MET A 929 -13.19 -24.28 -33.66
N PHE A 930 -12.55 -23.83 -32.59
CA PHE A 930 -12.46 -22.40 -32.29
C PHE A 930 -11.66 -21.67 -33.35
N THR A 931 -10.49 -22.19 -33.70
CA THR A 931 -9.71 -21.49 -34.71
C THR A 931 -10.43 -21.48 -36.06
N TYR A 932 -11.14 -22.56 -36.38
CA TYR A 932 -11.87 -22.58 -37.66
C TYR A 932 -13.02 -21.58 -37.66
N VAL A 933 -13.78 -21.51 -36.57
CA VAL A 933 -14.90 -20.58 -36.54
C VAL A 933 -14.40 -19.14 -36.54
N PHE A 934 -13.29 -18.87 -35.86
CA PHE A 934 -12.81 -17.50 -35.84
C PHE A 934 -12.22 -17.10 -37.18
N VAL A 935 -11.57 -18.03 -37.88
CA VAL A 935 -11.03 -17.67 -39.18
C VAL A 935 -12.14 -17.51 -40.20
N LEU A 936 -13.22 -18.30 -40.09
CA LEU A 936 -14.33 -18.10 -41.01
C LEU A 936 -15.04 -16.78 -40.72
N GLU A 937 -15.17 -16.43 -39.45
CA GLU A 937 -15.67 -15.11 -39.09
C GLU A 937 -14.78 -14.03 -39.68
N MET A 938 -13.46 -14.25 -39.66
CA MET A 938 -12.53 -13.29 -40.25
C MET A 938 -12.80 -13.11 -41.73
N LEU A 939 -12.92 -14.22 -42.46
CA LEU A 939 -13.14 -14.14 -43.91
C LEU A 939 -14.46 -13.46 -44.23
N LEU A 940 -15.51 -13.71 -43.44
CA LEU A 940 -16.77 -13.06 -43.73
C LEU A 940 -16.73 -11.57 -43.42
N LYS A 941 -16.09 -11.19 -42.31
CA LYS A 941 -15.85 -9.77 -42.06
C LYS A 941 -15.16 -9.13 -43.26
N TRP A 942 -14.13 -9.81 -43.78
CA TRP A 942 -13.44 -9.33 -44.97
C TRP A 942 -14.42 -9.12 -46.11
N VAL A 943 -15.00 -10.21 -46.62
CA VAL A 943 -15.79 -10.15 -47.85
C VAL A 943 -16.97 -9.21 -47.71
N ALA A 944 -17.42 -8.93 -46.49
CA ALA A 944 -18.51 -7.99 -46.31
C ALA A 944 -18.04 -6.54 -46.31
N TYR A 945 -17.01 -6.23 -45.51
CA TYR A 945 -16.68 -4.83 -45.25
C TYR A 945 -15.60 -4.26 -46.16
N GLY A 946 -14.72 -5.08 -46.71
CA GLY A 946 -13.61 -4.58 -47.48
C GLY A 946 -12.33 -4.53 -46.67
N PHE A 947 -11.21 -4.68 -47.38
CA PHE A 947 -9.93 -4.79 -46.68
C PHE A 947 -9.52 -3.48 -46.02
N LYS A 948 -9.83 -2.34 -46.63
CA LYS A 948 -9.47 -1.08 -46.00
C LYS A 948 -10.37 -0.81 -44.79
N LYS A 949 -11.64 -1.19 -44.88
CA LYS A 949 -12.54 -1.03 -43.74
C LYS A 949 -12.21 -2.02 -42.63
N TYR A 950 -11.54 -3.12 -42.94
CA TYR A 950 -11.15 -4.10 -41.92
C TYR A 950 -9.84 -3.74 -41.25
N PHE A 951 -8.80 -3.45 -42.03
CA PHE A 951 -7.49 -3.24 -41.45
C PHE A 951 -7.27 -1.83 -40.93
N THR A 952 -8.29 -0.97 -40.93
CA THR A 952 -8.16 0.32 -40.27
C THR A 952 -8.61 0.26 -38.81
N ASN A 953 -9.61 -0.54 -38.49
CA ASN A 953 -10.07 -0.64 -37.12
C ASN A 953 -9.00 -1.29 -36.24
N ALA A 954 -8.78 -0.70 -35.06
CA ALA A 954 -7.73 -1.21 -34.18
C ALA A 954 -8.13 -2.54 -33.55
N TRP A 955 -9.40 -2.67 -33.16
CA TRP A 955 -9.83 -3.93 -32.57
C TRP A 955 -9.92 -5.03 -33.61
N CYS A 956 -10.23 -4.68 -34.86
CA CYS A 956 -10.14 -5.66 -35.92
C CYS A 956 -8.70 -6.11 -36.11
N TRP A 957 -7.74 -5.20 -35.95
CA TRP A 957 -6.34 -5.58 -35.99
C TRP A 957 -6.01 -6.52 -34.84
N LEU A 958 -6.56 -6.26 -33.66
CA LEU A 958 -6.37 -7.15 -32.52
C LEU A 958 -6.88 -8.55 -32.84
N ASP A 959 -8.12 -8.63 -33.35
CA ASP A 959 -8.72 -9.91 -33.69
C ASP A 959 -7.91 -10.64 -34.75
N PHE A 960 -7.47 -9.92 -35.78
CA PHE A 960 -6.65 -10.52 -36.82
C PHE A 960 -5.35 -11.06 -36.27
N LEU A 961 -4.71 -10.31 -35.36
CA LEU A 961 -3.46 -10.77 -34.79
C LEU A 961 -3.65 -12.05 -33.99
N ILE A 962 -4.72 -12.12 -33.19
CA ILE A 962 -4.91 -13.31 -32.37
C ILE A 962 -5.28 -14.51 -33.24
N VAL A 963 -6.11 -14.29 -34.26
CA VAL A 963 -6.45 -15.41 -35.13
C VAL A 963 -5.24 -15.82 -35.96
N ASP A 964 -4.34 -14.89 -36.24
CA ASP A 964 -3.08 -15.23 -36.89
C ASP A 964 -2.26 -16.16 -36.00
N VAL A 965 -2.14 -15.79 -34.73
CA VAL A 965 -1.46 -16.66 -33.77
C VAL A 965 -2.05 -18.06 -33.83
N SER A 966 -3.37 -18.15 -33.78
CA SER A 966 -4.03 -19.46 -33.76
C SER A 966 -3.76 -20.23 -35.05
N LEU A 967 -3.85 -19.55 -36.19
CA LEU A 967 -3.66 -20.20 -37.48
C LEU A 967 -2.25 -20.74 -37.62
N VAL A 968 -1.25 -19.93 -37.27
CA VAL A 968 0.12 -20.41 -37.38
C VAL A 968 0.36 -21.57 -36.42
N SER A 969 -0.20 -21.49 -35.22
CA SER A 969 -0.07 -22.60 -34.28
C SER A 969 -0.62 -23.89 -34.89
N LEU A 970 -1.82 -23.82 -35.44
CA LEU A 970 -2.42 -25.00 -36.05
C LEU A 970 -1.58 -25.50 -37.23
N VAL A 971 -1.14 -24.58 -38.09
CA VAL A 971 -0.42 -24.96 -39.30
C VAL A 971 0.86 -25.69 -38.94
N ALA A 972 1.67 -25.12 -38.05
CA ALA A 972 2.87 -25.82 -37.63
C ALA A 972 2.58 -27.03 -36.76
N ASN A 973 1.36 -27.14 -36.24
CA ASN A 973 1.00 -28.35 -35.50
C ASN A 973 0.70 -29.52 -36.42
N THR A 974 0.10 -29.25 -37.59
CA THR A 974 -0.16 -30.35 -38.51
C THR A 974 0.91 -30.47 -39.59
N LEU A 975 1.36 -29.35 -40.16
CA LEU A 975 2.32 -29.38 -41.26
C LEU A 975 3.76 -29.41 -40.74
N GLY A 976 4.09 -30.46 -40.00
CA GLY A 976 5.45 -30.69 -39.54
C GLY A 976 6.01 -29.60 -38.63
N PHE A 977 7.22 -29.82 -38.14
CA PHE A 977 7.93 -28.86 -37.28
C PHE A 977 7.03 -28.40 -36.13
N ALA A 978 6.54 -29.39 -35.39
CA ALA A 978 5.74 -29.15 -34.20
C ALA A 978 6.55 -29.56 -32.98
N GLU A 979 6.04 -29.19 -31.81
CA GLU A 979 6.77 -29.29 -30.54
C GLU A 979 8.24 -28.92 -30.72
N MET A 980 8.46 -27.82 -31.42
CA MET A 980 9.79 -27.40 -31.84
C MET A 980 10.08 -26.01 -31.30
N GLY A 981 10.68 -25.96 -30.12
CA GLY A 981 11.20 -24.75 -29.55
C GLY A 981 10.26 -23.55 -29.60
N PRO A 982 10.64 -22.56 -30.43
CA PRO A 982 9.85 -21.33 -30.50
C PRO A 982 8.40 -21.56 -30.89
N ILE A 983 8.13 -22.50 -31.80
CA ILE A 983 6.75 -22.72 -32.18
C ILE A 983 5.96 -23.39 -31.06
N LYS A 984 6.58 -24.23 -30.24
CA LYS A 984 5.81 -24.84 -29.16
C LYS A 984 5.69 -23.91 -27.97
N SER A 985 6.53 -22.89 -27.87
CA SER A 985 6.35 -21.85 -26.85
C SER A 985 5.53 -20.67 -27.37
N LEU A 986 5.24 -20.63 -28.66
CA LEU A 986 4.38 -19.58 -29.20
C LEU A 986 2.91 -19.79 -28.88
N ARG A 987 2.50 -21.02 -28.65
CA ARG A 987 1.12 -21.28 -28.24
C ARG A 987 0.85 -20.84 -26.81
N THR A 988 1.89 -20.46 -26.05
CA THR A 988 1.64 -19.77 -24.79
C THR A 988 0.94 -18.45 -25.03
N LEU A 989 1.18 -17.82 -26.19
CA LEU A 989 0.49 -16.59 -26.54
C LEU A 989 -1.00 -16.80 -26.73
N ARG A 990 -1.48 -18.05 -26.70
CA ARG A 990 -2.90 -18.31 -26.78
C ARG A 990 -3.67 -17.66 -25.63
N ALA A 991 -2.98 -17.36 -24.53
CA ALA A 991 -3.60 -16.73 -23.38
C ALA A 991 -4.08 -15.31 -23.67
N LEU A 992 -3.75 -14.74 -24.82
CA LEU A 992 -4.29 -13.44 -25.19
C LEU A 992 -5.69 -13.54 -25.74
N ARG A 993 -6.19 -14.75 -25.97
CA ARG A 993 -7.52 -14.93 -26.53
C ARG A 993 -8.63 -14.21 -25.76
N PRO A 994 -8.60 -14.11 -24.43
CA PRO A 994 -9.60 -13.29 -23.76
C PRO A 994 -9.65 -11.85 -24.23
N LEU A 995 -8.60 -11.36 -24.89
CA LEU A 995 -8.60 -9.96 -25.31
C LEU A 995 -9.61 -9.68 -26.40
N ARG A 996 -10.12 -10.71 -27.07
CA ARG A 996 -11.18 -10.49 -28.04
C ARG A 996 -12.43 -9.93 -27.39
N ALA A 997 -12.62 -10.18 -26.09
CA ALA A 997 -13.82 -9.73 -25.41
C ALA A 997 -13.87 -8.23 -25.22
N LEU A 998 -12.74 -7.54 -25.35
CA LEU A 998 -12.69 -6.12 -25.06
C LEU A 998 -13.53 -5.33 -26.06
N SER A 999 -13.48 -5.71 -27.33
CA SER A 999 -14.17 -4.94 -28.35
C SER A 999 -15.68 -5.08 -28.26
N ARG A 1000 -16.14 -6.22 -27.73
CA ARG A 1000 -17.57 -6.53 -27.75
C ARG A 1000 -18.32 -5.74 -26.69
N PHE A 1001 -17.98 -5.96 -25.42
CA PHE A 1001 -18.72 -5.35 -24.33
C PHE A 1001 -18.49 -3.85 -24.32
N GLU A 1002 -19.59 -3.10 -24.50
CA GLU A 1002 -19.49 -1.65 -24.62
C GLU A 1002 -19.01 -0.98 -23.35
N GLY A 1003 -18.71 -1.73 -22.29
CA GLY A 1003 -18.11 -1.18 -21.10
C GLY A 1003 -16.61 -1.25 -21.12
N MET A 1004 -16.06 -2.45 -21.32
CA MET A 1004 -14.62 -2.61 -21.46
C MET A 1004 -14.08 -1.77 -22.60
N ARG A 1005 -14.85 -1.66 -23.69
CA ARG A 1005 -14.38 -0.89 -24.84
C ARG A 1005 -14.20 0.57 -24.50
N VAL A 1006 -15.20 1.18 -23.85
CA VAL A 1006 -15.06 2.58 -23.49
C VAL A 1006 -14.00 2.76 -22.42
N VAL A 1007 -13.83 1.78 -21.54
CA VAL A 1007 -12.81 1.89 -20.51
C VAL A 1007 -11.42 1.88 -21.13
N VAL A 1008 -11.16 0.91 -22.02
CA VAL A 1008 -9.86 0.82 -22.67
C VAL A 1008 -9.62 2.01 -23.57
N ASN A 1009 -10.68 2.54 -24.19
CA ASN A 1009 -10.53 3.76 -24.98
C ASN A 1009 -10.04 4.91 -24.10
N ALA A 1010 -10.78 5.21 -23.04
CA ALA A 1010 -10.39 6.31 -22.16
C ALA A 1010 -9.10 6.02 -21.41
N LEU A 1011 -8.62 4.78 -21.42
CA LEU A 1011 -7.36 4.45 -20.78
C LEU A 1011 -6.17 4.66 -21.71
N VAL A 1012 -6.19 4.05 -22.90
CA VAL A 1012 -5.12 4.29 -23.86
C VAL A 1012 -5.14 5.70 -24.39
N GLY A 1013 -6.23 6.44 -24.18
CA GLY A 1013 -6.18 7.85 -24.49
C GLY A 1013 -5.30 8.67 -23.58
N ALA A 1014 -4.73 8.05 -22.55
CA ALA A 1014 -3.85 8.73 -21.62
C ALA A 1014 -2.52 7.98 -21.47
N ILE A 1015 -2.10 7.26 -22.51
CA ILE A 1015 -0.78 6.63 -22.50
C ILE A 1015 0.34 7.62 -22.80
N PRO A 1016 0.18 8.69 -23.59
CA PRO A 1016 1.32 9.61 -23.75
C PRO A 1016 1.74 10.28 -22.47
N SER A 1017 0.80 10.72 -21.65
CA SER A 1017 1.14 11.32 -20.36
C SER A 1017 1.86 10.33 -19.46
N ILE A 1018 1.34 9.11 -19.38
CA ILE A 1018 1.99 8.08 -18.60
C ILE A 1018 3.38 7.81 -19.14
N MET A 1019 3.57 7.91 -20.45
CA MET A 1019 4.88 7.60 -21.02
C MET A 1019 5.89 8.68 -20.68
N ASN A 1020 5.51 9.96 -20.78
CA ASN A 1020 6.49 10.99 -20.46
C ASN A 1020 6.80 11.01 -18.95
N VAL A 1021 5.78 10.77 -18.11
CA VAL A 1021 6.06 10.69 -16.68
C VAL A 1021 6.93 9.48 -16.36
N LEU A 1022 6.70 8.35 -17.04
CA LEU A 1022 7.57 7.21 -16.85
C LEU A 1022 8.97 7.51 -17.33
N LEU A 1023 9.11 8.38 -18.33
CA LEU A 1023 10.46 8.77 -18.77
C LEU A 1023 11.16 9.59 -17.71
N VAL A 1024 10.47 10.56 -17.11
CA VAL A 1024 11.06 11.34 -16.04
C VAL A 1024 11.45 10.44 -14.86
N CYS A 1025 10.58 9.48 -14.54
CA CYS A 1025 10.88 8.55 -13.45
C CYS A 1025 12.02 7.61 -13.81
N LEU A 1026 12.18 7.26 -15.09
CA LEU A 1026 13.30 6.42 -15.49
C LEU A 1026 14.61 7.17 -15.39
N ILE A 1027 14.62 8.46 -15.73
CA ILE A 1027 15.83 9.26 -15.55
C ILE A 1027 16.18 9.39 -14.07
N PHE A 1028 15.19 9.70 -13.24
CA PHE A 1028 15.45 9.83 -11.81
C PHE A 1028 15.95 8.53 -11.20
N TRP A 1029 15.30 7.42 -11.53
CA TRP A 1029 15.78 6.16 -11.00
C TRP A 1029 17.05 5.71 -11.67
N LEU A 1030 17.43 6.29 -12.81
CA LEU A 1030 18.76 6.08 -13.36
C LEU A 1030 19.81 6.74 -12.48
N ILE A 1031 19.55 7.98 -12.08
CA ILE A 1031 20.39 8.64 -11.07
C ILE A 1031 20.57 7.72 -9.86
N PHE A 1032 19.45 7.27 -9.29
CA PHE A 1032 19.54 6.54 -8.02
C PHE A 1032 20.10 5.14 -8.20
N SER A 1033 19.93 4.55 -9.39
CA SER A 1033 20.49 3.24 -9.63
C SER A 1033 21.99 3.34 -9.86
N ILE A 1034 22.45 4.41 -10.48
CA ILE A 1034 23.89 4.61 -10.59
C ILE A 1034 24.50 4.87 -9.22
N MET A 1035 23.78 5.62 -8.36
CA MET A 1035 24.24 5.75 -6.98
C MET A 1035 24.33 4.41 -6.28
N GLY A 1036 23.31 3.56 -6.44
CA GLY A 1036 23.33 2.27 -5.79
C GLY A 1036 24.36 1.31 -6.37
N VAL A 1037 24.71 1.50 -7.64
CA VAL A 1037 25.75 0.69 -8.25
C VAL A 1037 27.13 1.15 -7.78
N ASN A 1038 27.31 2.46 -7.62
CA ASN A 1038 28.55 2.95 -7.03
C ASN A 1038 28.69 2.46 -5.60
N LEU A 1039 27.63 2.60 -4.81
CA LEU A 1039 27.73 2.36 -3.37
C LEU A 1039 27.91 0.88 -3.06
N PHE A 1040 26.94 0.06 -3.43
CA PHE A 1040 26.94 -1.36 -3.11
C PHE A 1040 26.59 -2.15 -4.36
N ALA A 1041 27.61 -2.49 -5.13
CA ALA A 1041 27.49 -3.39 -6.28
C ALA A 1041 28.59 -4.40 -6.11
N GLY A 1042 28.23 -5.65 -5.88
CA GLY A 1042 29.17 -6.64 -5.47
C GLY A 1042 29.20 -6.86 -3.98
N LYS A 1043 28.74 -5.90 -3.20
CA LYS A 1043 28.68 -6.01 -1.76
C LYS A 1043 27.40 -6.63 -1.25
N PHE A 1044 26.54 -7.16 -2.12
CA PHE A 1044 25.31 -7.80 -1.72
C PHE A 1044 25.41 -9.31 -1.63
N GLY A 1045 26.58 -9.89 -1.85
CA GLY A 1045 26.70 -11.33 -1.76
C GLY A 1045 26.75 -11.81 -0.32
N ARG A 1046 26.38 -13.07 -0.12
CA ARG A 1046 26.16 -13.55 1.24
C ARG A 1046 27.19 -14.57 1.68
N CYS A 1047 27.39 -15.63 0.92
CA CYS A 1047 28.13 -16.82 1.35
C CYS A 1047 27.38 -17.53 2.48
N ILE A 1048 26.13 -17.88 2.19
CA ILE A 1048 25.33 -18.67 3.11
C ILE A 1048 25.95 -20.04 3.29
N ASN A 1049 25.69 -20.64 4.44
CA ASN A 1049 26.16 -21.98 4.69
C ASN A 1049 25.01 -22.82 4.24
N GLN A 1050 25.29 -23.91 3.54
CA GLN A 1050 24.17 -24.65 3.01
C GLN A 1050 23.19 -25.23 3.98
N THR A 1051 23.65 -25.78 5.10
CA THR A 1051 22.67 -26.33 6.00
C THR A 1051 21.70 -25.29 6.60
N GLU A 1052 22.25 -24.23 7.20
CA GLU A 1052 21.41 -23.18 7.78
C GLU A 1052 20.57 -22.60 6.66
N GLY A 1053 21.22 -21.98 5.68
CA GLY A 1053 20.53 -21.43 4.53
C GLY A 1053 19.88 -20.07 4.64
N ASP A 1054 19.23 -19.79 5.76
CA ASP A 1054 18.57 -18.52 5.94
C ASP A 1054 19.61 -17.41 6.06
N LEU A 1055 20.32 -17.40 7.18
CA LEU A 1055 21.33 -16.40 7.45
C LEU A 1055 22.60 -16.68 6.67
N PRO A 1056 23.46 -15.64 6.54
CA PRO A 1056 24.77 -15.63 5.88
C PRO A 1056 25.82 -16.33 6.72
N LEU A 1057 26.92 -15.65 6.99
CA LEU A 1057 27.95 -16.25 7.80
C LEU A 1057 28.60 -15.15 8.62
N ASN A 1058 29.37 -15.54 9.63
CA ASN A 1058 30.04 -14.57 10.45
C ASN A 1058 31.27 -14.04 9.75
N TYR A 1059 31.45 -12.72 9.76
CA TYR A 1059 32.60 -12.09 9.14
C TYR A 1059 33.89 -12.60 9.76
N THR A 1060 33.91 -12.76 11.08
CA THR A 1060 35.06 -13.30 11.77
C THR A 1060 35.55 -14.61 11.15
N ILE A 1061 34.65 -15.57 10.95
CA ILE A 1061 35.05 -16.85 10.37
C ILE A 1061 35.33 -16.80 8.87
N VAL A 1062 34.40 -16.26 8.07
CA VAL A 1062 34.62 -16.18 6.64
C VAL A 1062 34.54 -14.71 6.36
N ASN A 1063 35.55 -14.13 5.75
CA ASN A 1063 35.53 -12.70 5.56
C ASN A 1063 35.27 -12.21 4.16
N ASN A 1064 36.05 -12.74 3.22
CA ASN A 1064 35.99 -12.38 1.82
C ASN A 1064 35.14 -13.39 1.05
N LYS A 1065 34.74 -12.99 -0.17
CA LYS A 1065 34.24 -13.97 -1.12
C LYS A 1065 35.29 -15.03 -1.41
N SER A 1066 36.55 -14.63 -1.44
CA SER A 1066 37.63 -15.56 -1.76
C SER A 1066 37.86 -16.54 -0.61
N GLU A 1067 37.74 -16.08 0.63
CA GLU A 1067 37.77 -17.00 1.76
C GLU A 1067 36.54 -17.89 1.80
N CYS A 1068 35.43 -17.45 1.20
CA CYS A 1068 34.28 -18.31 1.01
C CYS A 1068 34.57 -19.44 0.04
N GLU A 1069 35.61 -19.29 -0.78
CA GLU A 1069 35.99 -20.33 -1.74
C GLU A 1069 37.21 -21.10 -1.31
N SER A 1070 37.91 -20.67 -0.26
CA SER A 1070 39.01 -21.47 0.28
C SER A 1070 38.55 -22.41 1.38
N PHE A 1071 37.61 -22.00 2.22
CA PHE A 1071 37.01 -22.91 3.20
C PHE A 1071 35.97 -23.81 2.57
N ASN A 1072 35.81 -23.75 1.25
CA ASN A 1072 34.77 -24.48 0.52
C ASN A 1072 35.21 -25.88 0.13
N VAL A 1073 36.14 -26.48 0.87
CA VAL A 1073 36.54 -27.85 0.57
C VAL A 1073 35.35 -28.78 0.68
N THR A 1074 34.39 -28.45 1.55
CA THR A 1074 33.08 -29.07 1.56
C THR A 1074 32.12 -28.12 0.87
N GLY A 1075 31.34 -28.63 -0.08
CA GLY A 1075 30.57 -27.78 -0.95
C GLY A 1075 29.31 -27.21 -0.34
N GLU A 1076 29.33 -26.94 0.96
CA GLU A 1076 28.16 -26.40 1.65
C GLU A 1076 28.07 -24.89 1.56
N LEU A 1077 29.16 -24.19 1.21
CA LEU A 1077 29.17 -22.74 1.14
C LEU A 1077 28.81 -22.28 -0.27
N TYR A 1078 27.94 -21.28 -0.35
CA TYR A 1078 27.45 -20.80 -1.64
C TYR A 1078 27.46 -19.28 -1.60
N TRP A 1079 28.39 -18.65 -2.31
CA TRP A 1079 28.43 -17.19 -2.31
C TRP A 1079 27.33 -16.70 -3.23
N THR A 1080 26.14 -16.57 -2.67
CA THR A 1080 24.97 -16.14 -3.42
C THR A 1080 24.78 -14.64 -3.27
N LYS A 1081 24.21 -14.01 -4.28
CA LYS A 1081 23.76 -12.64 -4.12
C LYS A 1081 22.40 -12.63 -3.46
N VAL A 1082 21.90 -11.45 -3.19
CA VAL A 1082 20.49 -11.32 -2.89
C VAL A 1082 19.76 -11.17 -4.21
N LYS A 1083 18.53 -11.70 -4.26
CA LYS A 1083 17.80 -11.78 -5.52
C LYS A 1083 17.69 -10.42 -6.18
N VAL A 1084 17.36 -9.39 -5.41
CA VAL A 1084 17.21 -8.05 -5.93
C VAL A 1084 18.35 -7.21 -5.37
N ASN A 1085 19.32 -6.88 -6.21
CA ASN A 1085 20.53 -6.19 -5.80
C ASN A 1085 20.73 -4.99 -6.71
N PHE A 1086 21.86 -4.32 -6.55
CA PHE A 1086 22.26 -3.22 -7.42
C PHE A 1086 23.56 -3.63 -8.11
N ASP A 1087 23.45 -4.44 -9.15
CA ASP A 1087 24.64 -4.85 -9.89
C ASP A 1087 24.68 -4.29 -11.30
N ASN A 1088 23.56 -4.02 -11.92
CA ASN A 1088 23.54 -3.27 -13.15
C ASN A 1088 22.69 -2.04 -12.91
N VAL A 1089 22.43 -1.27 -13.95
CA VAL A 1089 21.38 -0.27 -13.81
C VAL A 1089 20.03 -0.94 -13.85
N GLY A 1090 19.91 -2.10 -14.46
CA GLY A 1090 18.65 -2.83 -14.49
C GLY A 1090 18.29 -3.47 -13.18
N ALA A 1091 19.22 -4.20 -12.58
CA ALA A 1091 19.01 -4.66 -11.21
C ALA A 1091 18.78 -3.50 -10.27
N GLY A 1092 19.43 -2.38 -10.51
CA GLY A 1092 19.12 -1.18 -9.77
C GLY A 1092 17.66 -0.77 -9.92
N TYR A 1093 17.14 -0.80 -11.14
CA TYR A 1093 15.74 -0.43 -11.38
C TYR A 1093 14.79 -1.40 -10.67
N LEU A 1094 15.12 -2.69 -10.68
CA LEU A 1094 14.28 -3.64 -9.97
C LEU A 1094 14.30 -3.39 -8.47
N ALA A 1095 15.47 -3.14 -7.90
CA ALA A 1095 15.55 -2.86 -6.47
C ALA A 1095 14.85 -1.57 -6.13
N LEU A 1096 14.90 -0.58 -7.00
CA LEU A 1096 14.21 0.67 -6.70
C LEU A 1096 12.71 0.50 -6.82
N LEU A 1097 12.23 -0.41 -7.66
CA LEU A 1097 10.78 -0.64 -7.67
C LEU A 1097 10.34 -1.40 -6.44
N GLN A 1098 11.16 -2.34 -5.97
CA GLN A 1098 10.80 -3.03 -4.74
C GLN A 1098 10.91 -2.13 -3.52
N VAL A 1099 11.73 -1.09 -3.57
CA VAL A 1099 11.80 -0.14 -2.45
C VAL A 1099 10.71 0.91 -2.56
N ALA A 1100 10.39 1.34 -3.78
CA ALA A 1100 9.42 2.41 -3.95
C ALA A 1100 8.01 1.95 -3.63
N THR A 1101 7.73 0.67 -3.76
CA THR A 1101 6.43 0.14 -3.37
C THR A 1101 6.43 -0.39 -1.95
N PHE A 1102 7.58 -0.43 -1.29
CA PHE A 1102 7.78 -0.90 0.08
C PHE A 1102 7.50 -2.38 0.22
N LYS A 1103 7.51 -3.12 -0.88
CA LYS A 1103 7.40 -4.57 -0.87
C LYS A 1103 8.75 -5.15 -1.22
N GLY A 1104 9.35 -5.87 -0.29
CA GLY A 1104 10.63 -6.48 -0.53
C GLY A 1104 11.82 -5.63 -0.16
N TRP A 1105 11.59 -4.36 0.19
CA TRP A 1105 12.68 -3.45 0.54
C TRP A 1105 13.40 -3.85 1.81
N MET A 1106 12.82 -4.74 2.61
CA MET A 1106 13.50 -5.15 3.83
C MET A 1106 14.85 -5.77 3.52
N ASP A 1107 14.88 -6.74 2.62
CA ASP A 1107 16.15 -7.39 2.31
C ASP A 1107 17.09 -6.51 1.52
N ILE A 1108 16.57 -5.64 0.65
CA ILE A 1108 17.41 -4.63 0.02
C ILE A 1108 18.17 -3.85 1.10
N MET A 1109 17.42 -3.16 1.96
CA MET A 1109 18.03 -2.31 2.96
C MET A 1109 18.86 -3.10 3.96
N TYR A 1110 18.51 -4.35 4.24
CA TYR A 1110 19.29 -5.15 5.16
C TYR A 1110 20.64 -5.51 4.57
N ALA A 1111 20.66 -5.87 3.28
CA ALA A 1111 21.91 -6.17 2.63
C ALA A 1111 22.72 -4.91 2.36
N ALA A 1112 22.08 -3.75 2.33
CA ALA A 1112 22.78 -2.50 2.10
C ALA A 1112 23.42 -1.96 3.37
N VAL A 1113 22.69 -1.98 4.49
CA VAL A 1113 23.26 -1.56 5.76
C VAL A 1113 24.03 -2.67 6.45
N ASP A 1114 24.29 -3.77 5.76
CA ASP A 1114 25.27 -4.74 6.20
C ASP A 1114 26.50 -4.75 5.31
N SER A 1115 26.51 -3.92 4.27
CA SER A 1115 27.51 -3.99 3.21
C SER A 1115 28.83 -3.46 3.74
N ARG A 1116 29.72 -4.37 4.09
CA ARG A 1116 31.01 -3.99 4.63
C ARG A 1116 32.02 -3.70 3.51
N GLY A 1117 32.39 -4.72 2.74
CA GLY A 1117 33.52 -4.59 1.83
C GLY A 1117 33.12 -4.49 0.38
N TYR A 1118 33.80 -5.20 -0.52
CA TYR A 1118 33.42 -5.26 -1.92
C TYR A 1118 32.96 -6.65 -2.34
N GLU A 1119 33.77 -7.67 -2.10
CA GLU A 1119 33.30 -9.05 -2.13
C GLU A 1119 33.34 -9.62 -0.73
N GLU A 1120 33.23 -8.76 0.27
CA GLU A 1120 33.41 -9.14 1.65
C GLU A 1120 32.09 -9.51 2.28
N GLN A 1121 32.17 -10.43 3.22
CA GLN A 1121 31.00 -10.88 3.93
C GLN A 1121 30.35 -9.73 4.68
N PRO A 1122 29.02 -9.67 4.76
CA PRO A 1122 28.38 -8.55 5.45
C PRO A 1122 28.48 -8.66 6.96
N GLN A 1123 28.89 -7.55 7.59
CA GLN A 1123 28.80 -7.38 9.04
C GLN A 1123 27.44 -6.83 9.40
N TRP A 1124 26.99 -7.13 10.61
CA TRP A 1124 25.56 -7.12 10.91
C TRP A 1124 24.94 -5.74 10.69
N GLU A 1125 25.63 -4.69 11.06
CA GLU A 1125 25.12 -3.35 10.74
C GLU A 1125 26.19 -2.35 10.39
N ASP A 1126 27.42 -2.80 10.10
CA ASP A 1126 28.40 -1.96 9.43
C ASP A 1126 27.74 -1.19 8.30
N ASN A 1127 28.16 0.04 8.10
CA ASN A 1127 27.55 0.91 7.09
C ASN A 1127 26.09 1.21 7.43
N LEU A 1128 25.79 1.31 8.72
CA LEU A 1128 24.42 1.54 9.17
C LEU A 1128 23.81 2.78 8.56
N TYR A 1129 24.62 3.76 8.21
CA TYR A 1129 24.02 4.99 7.72
C TYR A 1129 23.63 4.91 6.26
N MET A 1130 23.84 3.76 5.62
CA MET A 1130 23.35 3.59 4.25
C MET A 1130 21.83 3.59 4.21
N TYR A 1131 21.16 3.31 5.33
CA TYR A 1131 19.73 3.57 5.43
C TYR A 1131 19.39 4.93 4.87
N ILE A 1132 20.23 5.93 5.16
CA ILE A 1132 19.97 7.27 4.66
C ILE A 1132 19.70 7.23 3.17
N TYR A 1133 20.54 6.53 2.41
CA TYR A 1133 20.34 6.42 0.97
C TYR A 1133 18.89 6.10 0.66
N PHE A 1134 18.39 5.00 1.19
CA PHE A 1134 17.03 4.59 0.90
C PHE A 1134 16.03 5.63 1.36
N VAL A 1135 16.19 6.14 2.58
CA VAL A 1135 15.32 7.21 3.05
C VAL A 1135 15.26 8.31 2.01
N VAL A 1136 16.45 8.77 1.57
CA VAL A 1136 16.48 9.86 0.62
C VAL A 1136 15.80 9.47 -0.67
N PHE A 1137 16.08 8.26 -1.18
CA PHE A 1137 15.42 7.83 -2.39
C PHE A 1137 13.92 7.84 -2.20
N ILE A 1138 13.45 7.30 -1.08
CA ILE A 1138 12.02 7.19 -0.84
C ILE A 1138 11.39 8.57 -0.83
N ILE A 1139 12.16 9.58 -0.42
CA ILE A 1139 11.61 10.93 -0.39
C ILE A 1139 11.58 11.52 -1.79
N PHE A 1140 12.60 11.21 -2.61
CA PHE A 1140 12.69 11.86 -3.91
C PHE A 1140 12.20 10.95 -5.03
N GLY A 1141 12.45 9.66 -4.91
CA GLY A 1141 12.00 8.76 -5.94
C GLY A 1141 10.60 8.24 -5.76
N SER A 1142 10.08 8.22 -4.53
CA SER A 1142 8.76 7.69 -4.29
C SER A 1142 7.78 8.80 -3.96
N PHE A 1143 8.11 9.68 -3.02
CA PHE A 1143 7.22 10.79 -2.70
C PHE A 1143 7.05 11.71 -3.90
N PHE A 1144 8.13 12.40 -4.30
CA PHE A 1144 7.99 13.44 -5.31
C PHE A 1144 7.61 12.90 -6.66
N THR A 1145 8.19 11.80 -7.10
CA THR A 1145 7.74 11.18 -8.34
C THR A 1145 6.27 10.85 -8.29
N LEU A 1146 5.77 10.38 -7.13
CA LEU A 1146 4.34 10.17 -7.02
C LEU A 1146 3.59 11.48 -7.22
N ASN A 1147 4.06 12.55 -6.57
CA ASN A 1147 3.48 13.86 -6.83
C ASN A 1147 3.51 14.19 -8.30
N LEU A 1148 4.55 13.72 -9.00
CA LEU A 1148 4.56 13.86 -10.45
C LEU A 1148 3.45 13.04 -11.07
N PHE A 1149 3.41 11.74 -10.79
CA PHE A 1149 2.46 10.85 -11.46
C PHE A 1149 1.06 11.39 -11.31
N ILE A 1150 0.53 11.32 -10.09
CA ILE A 1150 -0.81 11.84 -9.79
C ILE A 1150 -0.97 13.20 -10.42
N GLY A 1151 0.03 14.06 -10.27
CA GLY A 1151 -0.07 15.41 -10.79
C GLY A 1151 -0.56 15.42 -12.23
N VAL A 1152 0.23 14.85 -13.14
CA VAL A 1152 -0.12 14.99 -14.54
C VAL A 1152 -1.47 14.34 -14.78
N ILE A 1153 -1.73 13.22 -14.12
CA ILE A 1153 -2.98 12.51 -14.34
C ILE A 1153 -4.13 13.47 -14.11
N ILE A 1154 -4.14 14.15 -12.96
CA ILE A 1154 -5.22 15.09 -12.67
C ILE A 1154 -5.37 16.07 -13.83
N ASP A 1155 -4.29 16.78 -14.17
CA ASP A 1155 -4.41 17.79 -15.22
C ASP A 1155 -4.77 17.15 -16.54
N ASN A 1156 -4.19 15.98 -16.82
CA ASN A 1156 -4.55 15.29 -18.05
C ASN A 1156 -6.06 15.16 -18.15
N PHE A 1157 -6.69 14.63 -17.10
CA PHE A 1157 -8.13 14.43 -17.14
C PHE A 1157 -8.86 15.74 -17.38
N ASN A 1158 -8.39 16.82 -16.76
CA ASN A 1158 -9.04 18.11 -16.95
C ASN A 1158 -9.14 18.45 -18.42
N GLN A 1159 -8.05 18.28 -19.17
CA GLN A 1159 -8.10 18.58 -20.59
C GLN A 1159 -9.06 17.65 -21.30
N GLN A 1160 -9.04 16.37 -20.95
CA GLN A 1160 -10.02 15.45 -21.52
C GLN A 1160 -11.42 15.83 -21.08
N LYS A 1161 -11.56 16.43 -19.90
CA LYS A 1161 -12.85 16.94 -19.48
C LYS A 1161 -13.22 18.19 -20.26
N LYS A 1162 -12.21 18.97 -20.67
CA LYS A 1162 -12.49 20.24 -21.34
C LYS A 1162 -12.75 20.04 -22.83
N LYS A 1163 -11.95 19.23 -23.50
CA LYS A 1163 -12.09 19.03 -24.94
C LYS A 1163 -13.31 18.18 -25.25
N THR A 1172 -23.96 -1.08 -21.75
CA THR A 1172 -23.87 0.00 -20.78
C THR A 1172 -25.17 0.79 -20.78
N GLU A 1173 -25.99 0.59 -21.81
CA GLU A 1173 -27.31 1.21 -21.83
C GLU A 1173 -28.19 0.70 -20.69
N GLU A 1174 -27.96 -0.54 -20.25
CA GLU A 1174 -28.60 -1.00 -19.02
C GLU A 1174 -28.11 -0.18 -17.82
N GLN A 1175 -26.86 0.30 -17.88
CA GLN A 1175 -26.38 1.18 -16.82
C GLN A 1175 -27.02 2.56 -16.93
N LYS A 1176 -27.36 2.98 -18.15
CA LYS A 1176 -28.16 4.18 -18.31
C LYS A 1176 -29.55 3.99 -17.73
N LYS A 1177 -30.09 2.78 -17.82
CA LYS A 1177 -31.37 2.49 -17.16
C LYS A 1177 -31.20 2.44 -15.65
N TYR A 1178 -30.04 1.99 -15.16
CA TYR A 1178 -29.71 2.11 -13.75
C TYR A 1178 -29.75 3.57 -13.30
N TYR A 1179 -29.12 4.44 -14.08
CA TYR A 1179 -29.20 5.89 -13.87
C TYR A 1179 -30.65 6.35 -13.81
N ASN A 1180 -31.45 5.93 -14.79
CA ASN A 1180 -32.81 6.43 -14.90
C ASN A 1180 -33.68 5.94 -13.75
N ALA A 1181 -33.44 4.71 -13.28
CA ALA A 1181 -34.18 4.19 -12.14
C ALA A 1181 -33.75 4.89 -10.85
N MET A 1182 -32.46 5.19 -10.74
CA MET A 1182 -31.96 5.97 -9.61
C MET A 1182 -32.62 7.34 -9.58
N LYS A 1183 -32.97 7.86 -10.76
CA LYS A 1183 -33.77 9.08 -10.83
C LYS A 1183 -35.24 8.83 -10.50
N LYS A 1184 -35.77 7.69 -10.92
CA LYS A 1184 -37.20 7.42 -10.83
C LYS A 1184 -37.64 7.14 -9.41
N LEU A 1185 -37.13 6.06 -8.82
CA LEU A 1185 -37.63 5.61 -7.52
C LEU A 1185 -36.90 6.24 -6.34
N GLY A 1186 -35.86 7.03 -6.59
CA GLY A 1186 -35.18 7.72 -5.51
C GLY A 1186 -35.91 8.96 -5.03
N SER A 1187 -37.21 8.83 -4.76
CA SER A 1187 -38.01 9.96 -4.34
C SER A 1187 -37.65 10.37 -2.91
N LYS A 1188 -37.34 11.65 -2.72
CA LYS A 1188 -36.83 12.14 -1.45
C LYS A 1188 -37.96 12.58 -0.51
N LYS A 1189 -38.75 13.55 -0.93
CA LYS A 1189 -39.77 14.15 -0.08
C LYS A 1189 -41.15 13.67 -0.49
N PRO A 1190 -41.79 12.77 0.28
CA PRO A 1190 -43.16 12.36 -0.06
C PRO A 1190 -44.21 13.29 0.52
N GLN A 1191 -45.48 12.97 0.30
CA GLN A 1191 -46.60 13.76 0.82
C GLN A 1191 -46.88 13.37 2.26
N LYS A 1192 -48.02 13.81 2.79
CA LYS A 1192 -48.43 13.46 4.13
C LYS A 1192 -48.55 11.95 4.26
N PRO A 1193 -47.69 11.30 5.05
CA PRO A 1193 -47.63 9.83 5.04
C PRO A 1193 -48.92 9.15 5.47
N ILE A 1194 -49.37 9.43 6.68
CA ILE A 1194 -50.51 8.71 7.29
C ILE A 1194 -51.19 9.62 8.29
N PRO A 1195 -52.51 9.79 8.21
CA PRO A 1195 -53.24 10.55 9.22
C PRO A 1195 -53.59 9.68 10.43
N ARG A 1196 -53.90 10.36 11.53
CA ARG A 1196 -54.29 9.64 12.74
C ARG A 1196 -55.59 8.89 12.50
N PRO A 1197 -55.69 7.62 12.93
CA PRO A 1197 -56.95 6.89 12.78
C PRO A 1197 -58.08 7.40 13.67
N LEU A 1198 -57.78 8.31 14.59
CA LEU A 1198 -58.75 8.96 15.47
C LEU A 1198 -59.50 7.99 16.37
N ASN A 1199 -59.03 6.76 16.49
CA ASN A 1199 -59.63 5.81 17.42
C ASN A 1199 -59.03 6.01 18.81
N LYS A 1200 -59.53 5.24 19.78
CA LYS A 1200 -58.98 5.32 21.12
C LYS A 1200 -57.59 4.71 21.16
N TYR A 1201 -57.47 3.44 20.78
CA TYR A 1201 -56.17 2.78 20.80
C TYR A 1201 -55.36 3.12 19.54
N GLN A 1202 -56.01 3.17 18.38
CA GLN A 1202 -55.30 3.43 17.13
C GLN A 1202 -54.66 4.82 17.14
N GLY A 1203 -55.43 5.84 17.51
CA GLY A 1203 -54.87 7.18 17.55
C GLY A 1203 -53.77 7.33 18.59
N PHE A 1204 -53.94 6.68 19.74
CA PHE A 1204 -52.93 6.75 20.79
C PHE A 1204 -51.62 6.11 20.34
N ILE A 1205 -51.70 4.90 19.76
CA ILE A 1205 -50.48 4.23 19.30
C ILE A 1205 -49.88 4.98 18.13
N PHE A 1206 -50.72 5.56 17.27
CA PHE A 1206 -50.21 6.42 16.21
C PHE A 1206 -49.39 7.56 16.79
N ASP A 1207 -49.92 8.24 17.80
CA ASP A 1207 -49.24 9.39 18.35
C ASP A 1207 -47.96 9.01 19.09
N ILE A 1208 -47.93 7.85 19.73
CA ILE A 1208 -46.69 7.46 20.40
C ILE A 1208 -45.68 6.89 19.41
N VAL A 1209 -46.13 6.49 18.23
CA VAL A 1209 -45.21 6.05 17.19
C VAL A 1209 -44.54 7.23 16.48
N THR A 1210 -45.27 8.33 16.28
CA THR A 1210 -44.78 9.39 15.42
C THR A 1210 -43.69 10.25 16.04
N LYS A 1211 -43.79 10.60 17.34
CA LYS A 1211 -42.87 11.58 17.89
C LYS A 1211 -41.43 11.09 17.80
N GLN A 1212 -40.53 11.98 17.38
CA GLN A 1212 -39.14 11.63 17.14
C GLN A 1212 -38.47 11.04 18.37
N ALA A 1213 -39.01 11.29 19.56
CA ALA A 1213 -38.52 10.62 20.76
C ALA A 1213 -38.62 9.11 20.64
N PHE A 1214 -39.70 8.60 20.05
CA PHE A 1214 -39.80 7.17 19.81
C PHE A 1214 -38.71 6.68 18.88
N ASP A 1215 -38.40 7.48 17.85
CA ASP A 1215 -37.32 7.12 16.94
C ASP A 1215 -35.99 7.04 17.66
N VAL A 1216 -35.67 8.06 18.47
CA VAL A 1216 -34.36 8.06 19.10
C VAL A 1216 -34.27 6.96 20.15
N THR A 1217 -35.38 6.60 20.78
CA THR A 1217 -35.27 5.53 21.78
C THR A 1217 -35.17 4.16 21.12
N ILE A 1218 -35.84 3.94 19.98
CA ILE A 1218 -35.64 2.64 19.35
C ILE A 1218 -34.23 2.57 18.76
N MET A 1219 -33.67 3.72 18.38
CA MET A 1219 -32.26 3.72 17.96
C MET A 1219 -31.35 3.40 19.13
N PHE A 1220 -31.63 3.95 20.31
CA PHE A 1220 -30.84 3.58 21.49
C PHE A 1220 -30.96 2.09 21.76
N LEU A 1221 -32.14 1.52 21.52
CA LEU A 1221 -32.33 0.09 21.75
C LEU A 1221 -31.51 -0.74 20.76
N ILE A 1222 -31.51 -0.35 19.48
CA ILE A 1222 -30.72 -1.10 18.52
C ILE A 1222 -29.23 -0.91 18.76
N CYS A 1223 -28.82 0.24 19.31
CA CYS A 1223 -27.42 0.40 19.67
C CYS A 1223 -27.05 -0.48 20.85
N LEU A 1224 -27.96 -0.64 21.82
CA LEU A 1224 -27.69 -1.59 22.88
C LEU A 1224 -27.59 -3.01 22.34
N ASN A 1225 -28.41 -3.34 21.35
CA ASN A 1225 -28.27 -4.64 20.69
C ASN A 1225 -26.92 -4.76 20.02
N MET A 1226 -26.43 -3.68 19.41
CA MET A 1226 -25.10 -3.71 18.82
C MET A 1226 -24.04 -3.99 19.86
N VAL A 1227 -24.15 -3.33 21.02
CA VAL A 1227 -23.15 -3.53 22.05
C VAL A 1227 -23.20 -4.95 22.59
N THR A 1228 -24.40 -5.49 22.80
CA THR A 1228 -24.50 -6.87 23.25
C THR A 1228 -24.11 -7.84 22.16
N MET A 1229 -24.02 -7.38 20.91
CA MET A 1229 -23.44 -8.19 19.86
C MET A 1229 -21.92 -8.17 19.92
N MET A 1230 -21.36 -7.03 20.36
CA MET A 1230 -19.92 -6.87 20.49
C MET A 1230 -19.31 -7.70 21.62
N VAL A 1231 -20.12 -8.15 22.59
CA VAL A 1231 -19.60 -8.81 23.77
C VAL A 1231 -19.42 -10.32 23.54
N GLU A 1232 -19.64 -10.79 22.33
CA GLU A 1232 -19.44 -12.21 22.04
C GLU A 1232 -17.98 -12.46 21.70
N THR A 1233 -17.40 -13.47 22.34
CA THR A 1233 -16.04 -13.87 22.05
C THR A 1233 -15.99 -15.34 21.68
N ASP A 1234 -14.80 -15.91 21.62
CA ASP A 1234 -14.62 -17.31 21.27
C ASP A 1234 -14.42 -18.11 22.55
N ASP A 1235 -15.13 -19.24 22.65
CA ASP A 1235 -15.04 -20.13 23.81
C ASP A 1235 -15.38 -19.40 25.10
N GLN A 1236 -16.43 -18.57 25.06
CA GLN A 1236 -16.74 -17.70 26.19
C GLN A 1236 -17.12 -18.47 27.45
N SER A 1237 -18.31 -19.06 27.47
CA SER A 1237 -18.84 -19.86 28.58
C SER A 1237 -20.24 -20.33 28.22
N PRO A 1238 -20.75 -21.39 28.87
CA PRO A 1238 -22.15 -21.77 28.59
C PRO A 1238 -23.17 -20.83 29.23
N GLU A 1239 -22.91 -20.36 30.45
CA GLU A 1239 -23.88 -19.49 31.09
C GLU A 1239 -23.95 -18.12 30.43
N LYS A 1240 -22.82 -17.59 29.97
CA LYS A 1240 -22.85 -16.30 29.28
C LYS A 1240 -23.56 -16.41 27.95
N VAL A 1241 -23.37 -17.51 27.22
CA VAL A 1241 -24.09 -17.65 25.97
C VAL A 1241 -25.58 -17.88 26.25
N ASN A 1242 -25.90 -18.49 27.39
CA ASN A 1242 -27.30 -18.58 27.81
C ASN A 1242 -27.91 -17.20 27.99
N ILE A 1243 -27.23 -16.35 28.76
CA ILE A 1243 -27.71 -14.99 28.98
C ILE A 1243 -27.81 -14.24 27.67
N LEU A 1244 -26.82 -14.42 26.79
CA LEU A 1244 -26.80 -13.68 25.54
C LEU A 1244 -27.94 -14.12 24.63
N ALA A 1245 -28.27 -15.41 24.63
CA ALA A 1245 -29.41 -15.88 23.85
C ALA A 1245 -30.72 -15.34 24.42
N LYS A 1246 -30.82 -15.28 25.75
CA LYS A 1246 -32.02 -14.70 26.35
C LYS A 1246 -32.18 -13.24 25.94
N ILE A 1247 -31.08 -12.48 25.97
CA ILE A 1247 -31.13 -11.08 25.55
C ILE A 1247 -31.43 -10.98 24.06
N ASN A 1248 -30.97 -11.96 23.29
CA ASN A 1248 -31.28 -12.02 21.86
C ASN A 1248 -32.78 -12.13 21.63
N LEU A 1249 -33.42 -13.06 22.34
CA LEU A 1249 -34.87 -13.19 22.24
C LEU A 1249 -35.56 -11.93 22.73
N LEU A 1250 -35.04 -11.33 23.81
CA LEU A 1250 -35.58 -10.08 24.32
C LEU A 1250 -35.57 -9.00 23.24
N PHE A 1251 -34.47 -8.90 22.50
CA PHE A 1251 -34.34 -7.82 21.53
C PHE A 1251 -35.19 -8.08 20.30
N VAL A 1252 -35.21 -9.31 19.80
CA VAL A 1252 -36.08 -9.57 18.66
C VAL A 1252 -37.52 -9.36 19.06
N ALA A 1253 -37.85 -9.61 20.33
CA ALA A 1253 -39.20 -9.34 20.82
C ALA A 1253 -39.49 -7.84 20.83
N ILE A 1254 -38.56 -7.05 21.35
CA ILE A 1254 -38.74 -5.59 21.35
C ILE A 1254 -39.00 -5.09 19.94
N PHE A 1255 -38.16 -5.52 19.00
CA PHE A 1255 -38.24 -4.98 17.65
C PHE A 1255 -39.45 -5.51 16.89
N THR A 1256 -39.89 -6.74 17.17
CA THR A 1256 -41.08 -7.24 16.51
C THR A 1256 -42.34 -6.63 17.12
N GLY A 1257 -42.29 -6.28 18.41
CA GLY A 1257 -43.37 -5.50 18.99
C GLY A 1257 -43.46 -4.13 18.36
N GLU A 1258 -42.30 -3.50 18.14
CA GLU A 1258 -42.27 -2.25 17.42
C GLU A 1258 -42.83 -2.43 16.01
N CYS A 1259 -42.52 -3.56 15.37
CA CYS A 1259 -43.03 -3.83 14.04
C CYS A 1259 -44.55 -3.96 14.03
N ILE A 1260 -45.11 -4.70 14.99
CA ILE A 1260 -46.55 -4.93 14.99
C ILE A 1260 -47.28 -3.65 15.38
N VAL A 1261 -46.66 -2.79 16.18
CA VAL A 1261 -47.25 -1.48 16.42
C VAL A 1261 -47.12 -0.61 15.17
N LYS A 1262 -46.05 -0.80 14.41
CA LYS A 1262 -45.75 0.13 13.33
C LYS A 1262 -46.63 -0.12 12.11
N MET A 1263 -46.73 -1.38 11.67
CA MET A 1263 -47.55 -1.64 10.48
C MET A 1263 -49.01 -1.30 10.75
N ALA A 1264 -49.41 -1.31 12.01
CA ALA A 1264 -50.73 -0.84 12.41
C ALA A 1264 -50.73 0.64 12.75
N ALA A 1265 -49.89 1.44 12.10
CA ALA A 1265 -49.88 2.88 12.35
C ALA A 1265 -51.26 3.43 12.08
N LEU A 1266 -51.68 3.44 10.81
CA LEU A 1266 -53.10 3.33 10.47
C LEU A 1266 -53.34 2.11 9.58
N ARG A 1267 -52.79 2.09 8.36
CA ARG A 1267 -52.81 0.89 7.54
C ARG A 1267 -51.53 0.73 6.72
N HIS A 1268 -50.82 1.84 6.45
CA HIS A 1268 -49.88 1.91 5.34
C HIS A 1268 -48.48 2.34 5.73
N TYR A 1269 -48.08 2.13 6.98
CA TYR A 1269 -46.71 2.46 7.36
C TYR A 1269 -45.71 1.59 6.61
N TYR A 1270 -46.03 0.31 6.44
CA TYR A 1270 -45.11 -0.65 5.85
C TYR A 1270 -45.26 -0.73 4.33
N PHE A 1271 -45.67 0.34 3.69
CA PHE A 1271 -45.72 0.39 2.23
C PHE A 1271 -45.15 1.67 1.64
N THR A 1272 -45.08 2.76 2.41
CA THR A 1272 -44.70 4.04 1.83
C THR A 1272 -43.18 4.18 1.75
N ASN A 1273 -42.48 3.94 2.86
CA ASN A 1273 -41.04 4.17 2.94
C ASN A 1273 -40.28 2.87 2.71
N SER A 1274 -39.16 2.98 2.01
CA SER A 1274 -38.33 1.80 1.77
C SER A 1274 -37.68 1.32 3.06
N TRP A 1275 -37.43 2.23 3.99
CA TRP A 1275 -36.79 1.84 5.24
C TRP A 1275 -37.71 1.00 6.11
N ASN A 1276 -39.02 1.31 6.12
CA ASN A 1276 -39.95 0.50 6.91
C ASN A 1276 -40.03 -0.92 6.37
N ILE A 1277 -40.10 -1.08 5.05
CA ILE A 1277 -40.11 -2.44 4.52
C ILE A 1277 -38.76 -3.12 4.69
N PHE A 1278 -37.67 -2.36 4.71
CA PHE A 1278 -36.36 -2.97 4.98
C PHE A 1278 -36.33 -3.56 6.38
N ASP A 1279 -36.71 -2.77 7.38
CA ASP A 1279 -36.73 -3.30 8.74
C ASP A 1279 -37.81 -4.36 8.91
N PHE A 1280 -38.87 -4.34 8.10
CA PHE A 1280 -39.82 -5.43 8.09
C PHE A 1280 -39.14 -6.73 7.66
N VAL A 1281 -38.40 -6.68 6.56
CA VAL A 1281 -37.67 -7.86 6.11
C VAL A 1281 -36.70 -8.32 7.18
N VAL A 1282 -36.02 -7.40 7.86
CA VAL A 1282 -35.05 -7.85 8.84
C VAL A 1282 -35.73 -8.39 10.08
N VAL A 1283 -36.94 -7.92 10.41
CA VAL A 1283 -37.59 -8.43 11.61
C VAL A 1283 -38.19 -9.79 11.35
N ILE A 1284 -38.73 -10.04 10.16
CA ILE A 1284 -39.18 -11.39 9.86
C ILE A 1284 -37.97 -12.32 9.75
N LEU A 1285 -36.85 -11.82 9.23
CA LEU A 1285 -35.64 -12.63 9.22
C LEU A 1285 -35.17 -12.94 10.62
N SER A 1286 -35.35 -12.00 11.55
CA SER A 1286 -34.99 -12.25 12.94
C SER A 1286 -35.88 -13.32 13.56
N ILE A 1287 -37.18 -13.25 13.31
CA ILE A 1287 -38.07 -14.27 13.87
C ILE A 1287 -37.75 -15.64 13.30
N VAL A 1288 -37.49 -15.71 12.00
CA VAL A 1288 -37.16 -17.01 11.41
C VAL A 1288 -35.80 -17.49 11.91
N GLY A 1289 -34.88 -16.57 12.18
CA GLY A 1289 -33.62 -16.97 12.77
C GLY A 1289 -33.78 -17.52 14.17
N THR A 1290 -34.66 -16.92 14.96
CA THR A 1290 -34.92 -17.45 16.30
C THR A 1290 -35.53 -18.84 16.22
N VAL A 1291 -36.46 -19.05 15.28
CA VAL A 1291 -37.04 -20.40 15.22
C VAL A 1291 -36.06 -21.42 14.63
N LEU A 1292 -35.16 -20.99 13.73
CA LEU A 1292 -34.10 -21.89 13.29
C LEU A 1292 -33.18 -22.25 14.44
N SER A 1293 -32.86 -21.28 15.30
CA SER A 1293 -32.13 -21.58 16.52
C SER A 1293 -32.93 -22.50 17.43
N ASP A 1294 -34.25 -22.45 17.32
CA ASP A 1294 -35.11 -23.36 18.08
C ASP A 1294 -35.11 -24.77 17.51
N ILE A 1295 -34.81 -24.94 16.22
CA ILE A 1295 -34.94 -26.23 15.55
C ILE A 1295 -33.60 -26.77 15.10
N ILE A 1296 -32.55 -26.56 15.92
CA ILE A 1296 -31.19 -26.96 15.53
C ILE A 1296 -31.15 -28.42 15.10
N GLN A 1297 -31.48 -29.34 16.02
CA GLN A 1297 -31.23 -30.75 15.79
C GLN A 1297 -32.49 -31.60 15.66
N LYS A 1298 -33.63 -31.16 16.21
CA LYS A 1298 -34.79 -32.03 16.30
C LYS A 1298 -35.36 -32.33 14.90
N TYR A 1299 -35.56 -31.28 14.10
CA TYR A 1299 -36.11 -31.47 12.76
C TYR A 1299 -35.03 -31.83 11.75
N PHE A 1300 -34.04 -30.94 11.58
CA PHE A 1300 -32.96 -31.15 10.64
C PHE A 1300 -31.82 -30.22 11.01
N PHE A 1301 -30.59 -30.71 10.82
CA PHE A 1301 -29.41 -29.98 11.27
C PHE A 1301 -28.43 -29.81 10.11
N SER A 1302 -27.77 -28.66 10.10
CA SER A 1302 -26.73 -28.31 9.14
C SER A 1302 -25.74 -27.47 9.91
N PRO A 1303 -24.48 -27.88 9.99
CA PRO A 1303 -23.54 -27.26 10.94
C PRO A 1303 -23.16 -25.82 10.60
N THR A 1304 -22.74 -25.58 9.36
CA THR A 1304 -22.12 -24.28 9.05
C THR A 1304 -23.14 -23.18 8.81
N LEU A 1305 -24.30 -23.50 8.22
CA LEU A 1305 -25.29 -22.48 7.89
C LEU A 1305 -25.68 -21.62 9.08
N PHE A 1306 -25.64 -22.17 10.30
CA PHE A 1306 -25.92 -21.35 11.48
C PHE A 1306 -25.09 -20.08 11.46
N ARG A 1307 -23.77 -20.21 11.28
CA ARG A 1307 -22.89 -19.06 11.32
C ARG A 1307 -23.27 -17.98 10.33
N VAL A 1308 -24.01 -18.31 9.26
CA VAL A 1308 -24.45 -17.26 8.37
C VAL A 1308 -25.86 -16.79 8.70
N ILE A 1309 -26.74 -17.67 9.17
CA ILE A 1309 -28.06 -17.16 9.53
C ILE A 1309 -27.97 -16.26 10.76
N ARG A 1310 -27.13 -16.61 11.72
CA ARG A 1310 -26.81 -15.70 12.81
C ARG A 1310 -26.26 -14.38 12.29
N LEU A 1311 -25.53 -14.43 11.17
CA LEU A 1311 -25.00 -13.22 10.56
C LEU A 1311 -26.11 -12.29 10.08
N ALA A 1312 -27.30 -12.82 9.81
CA ALA A 1312 -28.41 -11.94 9.49
C ALA A 1312 -28.73 -10.98 10.61
N ARG A 1313 -28.35 -11.30 11.84
CA ARG A 1313 -28.55 -10.34 12.93
C ARG A 1313 -27.83 -9.04 12.67
N ILE A 1314 -26.70 -9.08 11.96
CA ILE A 1314 -25.99 -7.86 11.64
C ILE A 1314 -26.90 -6.87 10.94
N GLY A 1315 -27.90 -7.36 10.20
CA GLY A 1315 -28.82 -6.47 9.54
C GLY A 1315 -29.43 -5.44 10.48
N ARG A 1316 -29.72 -5.86 11.72
CA ARG A 1316 -30.32 -4.93 12.68
C ARG A 1316 -29.47 -3.68 12.84
N ILE A 1317 -28.15 -3.85 13.00
CA ILE A 1317 -27.29 -2.69 13.21
C ILE A 1317 -27.28 -1.81 11.97
N LEU A 1318 -27.42 -2.43 10.80
CA LEU A 1318 -27.50 -1.65 9.57
C LEU A 1318 -28.75 -0.79 9.52
N ARG A 1319 -29.74 -1.07 10.37
CA ARG A 1319 -30.89 -0.19 10.48
C ARG A 1319 -30.49 1.20 10.96
N LEU A 1320 -29.36 1.32 11.65
CA LEU A 1320 -28.87 2.63 12.05
C LEU A 1320 -28.59 3.52 10.85
N ILE A 1321 -28.40 2.93 9.67
CA ILE A 1321 -28.19 3.74 8.48
C ILE A 1321 -29.41 4.61 8.16
N ARG A 1322 -30.58 4.26 8.72
CA ARG A 1322 -31.75 5.11 8.51
C ARG A 1322 -31.61 6.43 9.25
N GLY A 1323 -31.00 6.40 10.43
CA GLY A 1323 -30.89 7.60 11.26
C GLY A 1323 -29.80 8.55 10.82
N ALA A 1324 -28.60 8.04 10.61
CA ALA A 1324 -27.47 8.90 10.28
C ALA A 1324 -27.63 9.48 8.87
N LYS A 1325 -27.13 10.70 8.69
CA LYS A 1325 -27.22 11.40 7.42
C LYS A 1325 -25.92 11.33 6.65
N GLY A 1326 -24.78 11.41 7.34
CA GLY A 1326 -23.51 11.37 6.65
C GLY A 1326 -23.25 10.03 5.97
N ILE A 1327 -23.25 8.95 6.76
CA ILE A 1327 -22.91 7.65 6.19
C ILE A 1327 -23.94 7.22 5.16
N ARG A 1328 -25.20 7.61 5.35
CA ARG A 1328 -26.22 7.24 4.38
C ARG A 1328 -25.96 7.89 3.03
N THR A 1329 -25.67 9.20 3.02
CA THR A 1329 -25.36 9.86 1.75
C THR A 1329 -24.09 9.31 1.14
N LEU A 1330 -23.08 9.00 1.95
CA LEU A 1330 -21.85 8.48 1.39
C LEU A 1330 -22.07 7.10 0.77
N LEU A 1331 -22.84 6.24 1.43
CA LEU A 1331 -23.09 4.92 0.88
C LEU A 1331 -24.00 4.97 -0.33
N PHE A 1332 -24.92 5.93 -0.39
CA PHE A 1332 -25.75 6.07 -1.58
C PHE A 1332 -24.94 6.57 -2.76
N ALA A 1333 -24.04 7.54 -2.53
CA ALA A 1333 -23.18 8.00 -3.61
C ALA A 1333 -22.20 6.91 -4.03
N LEU A 1334 -21.89 5.99 -3.13
CA LEU A 1334 -21.12 4.81 -3.51
C LEU A 1334 -21.93 3.89 -4.41
N MET A 1335 -23.18 3.60 -4.03
CA MET A 1335 -24.00 2.68 -4.82
C MET A 1335 -24.41 3.29 -6.15
N MET A 1336 -24.36 4.61 -6.27
CA MET A 1336 -24.63 5.22 -7.56
C MET A 1336 -23.52 4.94 -8.57
N SER A 1337 -22.30 4.76 -8.09
CA SER A 1337 -21.14 4.63 -8.95
C SER A 1337 -20.71 3.19 -9.21
N LEU A 1338 -21.39 2.20 -8.64
CA LEU A 1338 -20.93 0.83 -8.81
C LEU A 1338 -21.11 0.24 -10.20
N PRO A 1339 -21.86 0.84 -11.15
CA PRO A 1339 -21.67 0.44 -12.55
C PRO A 1339 -20.27 0.74 -13.07
N ALA A 1340 -19.74 1.92 -12.75
CA ALA A 1340 -18.39 2.25 -13.18
C ALA A 1340 -17.37 1.34 -12.52
N LEU A 1341 -17.49 1.14 -11.21
CA LEU A 1341 -16.62 0.19 -10.53
C LEU A 1341 -16.81 -1.22 -11.08
N PHE A 1342 -18.00 -1.54 -11.59
CA PHE A 1342 -18.18 -2.84 -12.18
C PHE A 1342 -17.39 -2.99 -13.47
N ASN A 1343 -17.45 -1.97 -14.33
CA ASN A 1343 -16.66 -2.00 -15.56
C ASN A 1343 -15.16 -2.08 -15.25
N ILE A 1344 -14.71 -1.29 -14.28
CA ILE A 1344 -13.29 -1.29 -13.94
C ILE A 1344 -12.88 -2.64 -13.35
N GLY A 1345 -13.69 -3.19 -12.45
CA GLY A 1345 -13.40 -4.50 -11.92
C GLY A 1345 -13.47 -5.58 -12.96
N LEU A 1346 -14.23 -5.34 -14.03
CA LEU A 1346 -14.31 -6.31 -15.11
C LEU A 1346 -13.06 -6.28 -15.98
N LEU A 1347 -12.56 -5.08 -16.28
CA LEU A 1347 -11.28 -5.00 -16.97
C LEU A 1347 -10.15 -5.58 -16.11
N LEU A 1348 -10.18 -5.30 -14.81
CA LEU A 1348 -9.19 -5.87 -13.89
C LEU A 1348 -9.31 -7.38 -13.84
N PHE A 1349 -10.52 -7.91 -13.85
CA PHE A 1349 -10.71 -9.36 -13.87
C PHE A 1349 -10.18 -9.96 -15.15
N LEU A 1350 -10.36 -9.25 -16.26
CA LEU A 1350 -9.85 -9.75 -17.54
C LEU A 1350 -8.33 -9.78 -17.55
N VAL A 1351 -7.69 -8.74 -17.01
CA VAL A 1351 -6.24 -8.73 -16.91
C VAL A 1351 -5.77 -9.84 -15.98
N MET A 1352 -6.46 -10.03 -14.86
CA MET A 1352 -6.16 -11.15 -13.98
C MET A 1352 -6.31 -12.48 -14.71
N PHE A 1353 -7.28 -12.59 -15.61
CA PHE A 1353 -7.49 -13.85 -16.33
C PHE A 1353 -6.36 -14.12 -17.31
N ILE A 1354 -5.97 -13.11 -18.08
CA ILE A 1354 -4.85 -13.25 -18.98
C ILE A 1354 -3.59 -13.64 -18.22
N TYR A 1355 -3.30 -12.93 -17.14
CA TYR A 1355 -2.08 -13.19 -16.39
C TYR A 1355 -2.16 -14.50 -15.63
N SER A 1356 -3.36 -14.95 -15.27
CA SER A 1356 -3.53 -16.26 -14.66
C SER A 1356 -3.17 -17.35 -15.64
N ILE A 1357 -3.58 -17.20 -16.90
CA ILE A 1357 -3.24 -18.21 -17.89
C ILE A 1357 -1.76 -18.16 -18.23
N PHE A 1358 -1.19 -16.96 -18.31
CA PHE A 1358 0.25 -16.84 -18.55
C PHE A 1358 1.06 -17.47 -17.43
N GLY A 1359 0.65 -17.23 -16.17
CA GLY A 1359 1.35 -17.84 -15.07
C GLY A 1359 1.12 -19.32 -14.96
N MET A 1360 -0.06 -19.79 -15.36
CA MET A 1360 -0.30 -21.22 -15.42
C MET A 1360 0.60 -21.88 -16.45
N ALA A 1361 0.88 -21.18 -17.54
CA ALA A 1361 1.80 -21.71 -18.54
C ALA A 1361 3.23 -21.70 -18.03
N ASN A 1362 3.67 -20.59 -17.44
CA ASN A 1362 5.07 -20.48 -17.04
C ASN A 1362 5.31 -20.88 -15.60
N PHE A 1363 4.62 -20.26 -14.66
CA PHE A 1363 5.00 -20.27 -13.26
C PHE A 1363 4.44 -21.44 -12.48
N ALA A 1364 3.71 -22.33 -13.13
CA ALA A 1364 3.49 -23.62 -12.49
C ALA A 1364 4.82 -24.33 -12.38
N TYR A 1365 4.90 -25.30 -11.47
CA TYR A 1365 6.12 -26.06 -11.20
C TYR A 1365 7.23 -25.22 -10.61
N VAL A 1366 7.03 -23.92 -10.41
CA VAL A 1366 7.97 -23.12 -9.64
C VAL A 1366 8.13 -23.74 -8.25
N LYS A 1367 9.33 -23.61 -7.71
CA LYS A 1367 9.57 -24.10 -6.36
C LYS A 1367 8.68 -23.38 -5.37
N TRP A 1368 8.19 -24.12 -4.38
CA TRP A 1368 7.31 -23.56 -3.36
C TRP A 1368 8.16 -22.84 -2.33
N GLU A 1369 8.18 -21.51 -2.42
CA GLU A 1369 9.03 -20.68 -1.57
C GLU A 1369 8.25 -19.43 -1.22
N ALA A 1370 8.96 -18.40 -0.77
CA ALA A 1370 8.42 -17.34 0.09
C ALA A 1370 6.93 -17.06 -0.08
N GLY A 1371 6.52 -16.58 -1.24
CA GLY A 1371 5.14 -16.21 -1.42
C GLY A 1371 4.27 -17.22 -2.13
N ILE A 1372 4.80 -18.38 -2.47
CA ILE A 1372 4.10 -19.41 -3.22
C ILE A 1372 4.05 -20.65 -2.34
N ASP A 1373 2.93 -20.85 -1.66
CA ASP A 1373 2.76 -22.01 -0.79
C ASP A 1373 1.81 -22.98 -1.46
N ASP A 1374 1.40 -24.02 -0.73
CA ASP A 1374 0.55 -25.05 -1.31
C ASP A 1374 -0.84 -24.54 -1.66
N MET A 1375 -1.21 -23.35 -1.24
CA MET A 1375 -2.54 -22.82 -1.51
C MET A 1375 -2.54 -21.66 -2.47
N PHE A 1376 -1.48 -20.88 -2.50
CA PHE A 1376 -1.38 -19.71 -3.36
C PHE A 1376 -0.30 -20.02 -4.38
N ASN A 1377 -0.67 -20.72 -5.43
CA ASN A 1377 0.20 -21.18 -6.49
C ASN A 1377 -0.20 -20.50 -7.79
N PHE A 1378 0.44 -20.94 -8.88
CA PHE A 1378 -0.11 -20.80 -10.22
C PHE A 1378 -0.43 -22.16 -10.80
N GLN A 1379 -0.51 -23.19 -9.96
CA GLN A 1379 -0.75 -24.55 -10.45
C GLN A 1379 -2.13 -24.68 -11.05
N THR A 1380 -3.15 -24.38 -10.28
CA THR A 1380 -4.52 -24.39 -10.76
C THR A 1380 -4.87 -22.99 -11.26
N PHE A 1381 -6.12 -22.78 -11.59
CA PHE A 1381 -6.61 -21.47 -11.98
C PHE A 1381 -7.15 -20.71 -10.79
N ALA A 1382 -7.77 -21.42 -9.84
CA ALA A 1382 -8.24 -20.77 -8.63
C ALA A 1382 -7.08 -20.25 -7.79
N ASN A 1383 -6.02 -21.04 -7.64
CA ASN A 1383 -4.83 -20.57 -6.96
C ASN A 1383 -4.24 -19.35 -7.67
N SER A 1384 -4.23 -19.38 -8.99
CA SER A 1384 -3.72 -18.24 -9.75
C SER A 1384 -4.56 -17.00 -9.48
N MET A 1385 -5.87 -17.16 -9.39
CA MET A 1385 -6.70 -16.00 -9.12
C MET A 1385 -6.48 -15.47 -7.72
N LEU A 1386 -6.20 -16.37 -6.77
CA LEU A 1386 -5.89 -15.92 -5.42
C LEU A 1386 -4.60 -15.09 -5.40
N CYS A 1387 -3.52 -15.64 -5.97
CA CYS A 1387 -2.25 -14.93 -6.05
C CYS A 1387 -2.41 -13.58 -6.75
N LEU A 1388 -3.15 -13.55 -7.85
CA LEU A 1388 -3.24 -12.31 -8.61
C LEU A 1388 -4.14 -11.29 -7.93
N PHE A 1389 -5.21 -11.71 -7.27
CA PHE A 1389 -5.98 -10.76 -6.50
C PHE A 1389 -5.13 -10.17 -5.39
N GLN A 1390 -4.27 -10.98 -4.78
CA GLN A 1390 -3.38 -10.47 -3.75
C GLN A 1390 -2.45 -9.41 -4.33
N ILE A 1391 -1.82 -9.69 -5.47
CA ILE A 1391 -0.85 -8.78 -6.07
C ILE A 1391 -1.52 -7.52 -6.60
N THR A 1392 -2.80 -7.59 -6.97
CA THR A 1392 -3.48 -6.42 -7.52
C THR A 1392 -3.40 -5.23 -6.59
N THR A 1393 -3.28 -5.46 -5.29
CA THR A 1393 -3.06 -4.40 -4.32
C THR A 1393 -1.59 -4.12 -4.09
N SER A 1394 -0.72 -4.68 -4.92
CA SER A 1394 0.73 -4.63 -4.83
C SER A 1394 1.29 -5.44 -3.68
N ALA A 1395 0.45 -6.00 -2.82
CA ALA A 1395 0.92 -6.66 -1.62
C ALA A 1395 1.62 -7.97 -1.94
N GLY A 1396 2.72 -8.22 -1.25
CA GLY A 1396 3.42 -9.49 -1.33
C GLY A 1396 3.89 -9.88 -2.71
N TRP A 1397 3.92 -8.93 -3.64
CA TRP A 1397 4.39 -9.24 -4.99
C TRP A 1397 5.86 -9.57 -5.00
N ASP A 1398 6.61 -9.06 -4.03
CA ASP A 1398 8.02 -9.39 -3.93
C ASP A 1398 8.20 -10.86 -3.55
N GLY A 1399 7.33 -11.38 -2.69
CA GLY A 1399 7.44 -12.76 -2.26
C GLY A 1399 7.04 -13.75 -3.31
N LEU A 1400 6.25 -13.32 -4.29
CA LEU A 1400 5.93 -14.15 -5.45
C LEU A 1400 6.95 -14.02 -6.56
N LEU A 1401 7.50 -12.84 -6.76
CA LEU A 1401 8.59 -12.72 -7.73
C LEU A 1401 9.83 -13.42 -7.22
N SER A 1402 9.97 -13.57 -5.91
CA SER A 1402 11.19 -14.14 -5.36
C SER A 1402 11.46 -15.58 -5.78
N PRO A 1403 10.51 -16.52 -5.78
CA PRO A 1403 10.83 -17.86 -6.30
C PRO A 1403 10.83 -17.94 -7.81
N ILE A 1404 10.44 -16.88 -8.51
CA ILE A 1404 10.58 -16.87 -9.96
C ILE A 1404 11.97 -16.44 -10.38
N LEU A 1405 12.73 -15.80 -9.50
CA LEU A 1405 14.06 -15.33 -9.84
C LEU A 1405 15.11 -16.43 -9.67
N ASN A 1406 14.95 -17.27 -8.66
CA ASN A 1406 16.03 -18.20 -8.33
C ASN A 1406 16.23 -19.21 -9.44
N THR A 1407 17.49 -19.48 -9.77
CA THR A 1407 17.84 -20.33 -10.89
C THR A 1407 18.95 -21.32 -10.57
N GLY A 1408 19.50 -21.29 -9.36
CA GLY A 1408 20.66 -22.07 -9.05
C GLY A 1408 20.40 -23.26 -8.17
N PRO A 1409 21.34 -24.19 -8.14
CA PRO A 1409 21.21 -25.39 -7.29
C PRO A 1409 20.98 -25.09 -5.82
N PRO A 1410 21.60 -24.07 -5.22
CA PRO A 1410 21.37 -23.83 -3.80
C PRO A 1410 19.94 -23.45 -3.46
N TYR A 1411 19.17 -22.99 -4.43
CA TYR A 1411 17.76 -22.69 -4.25
C TYR A 1411 16.87 -23.55 -5.12
N CYS A 1412 17.10 -23.54 -6.43
CA CYS A 1412 16.40 -24.35 -7.40
C CYS A 1412 16.88 -25.79 -7.35
N ASP A 1413 16.24 -26.59 -8.19
CA ASP A 1413 16.69 -27.93 -8.53
C ASP A 1413 16.35 -28.13 -10.00
N PRO A 1414 17.19 -27.64 -10.91
CA PRO A 1414 17.01 -27.97 -12.31
C PRO A 1414 17.21 -29.46 -12.52
N ASN A 1415 16.96 -29.92 -13.73
CA ASN A 1415 16.98 -31.34 -14.04
C ASN A 1415 15.99 -32.12 -13.18
N LEU A 1416 15.02 -31.42 -12.60
CA LEU A 1416 14.05 -32.08 -11.74
C LEU A 1416 13.09 -32.90 -12.58
N PRO A 1417 12.80 -34.14 -12.19
CA PRO A 1417 11.86 -34.96 -12.96
C PRO A 1417 10.45 -34.39 -12.89
N ASN A 1418 10.22 -33.33 -13.67
CA ASN A 1418 8.94 -32.67 -13.69
C ASN A 1418 7.91 -33.52 -14.43
N SER A 1419 6.68 -33.53 -13.92
CA SER A 1419 5.65 -34.39 -14.48
C SER A 1419 5.27 -33.98 -15.90
N ASN A 1420 5.15 -32.67 -16.14
CA ASN A 1420 4.84 -32.17 -17.46
C ASN A 1420 6.03 -32.41 -18.40
N GLY A 1421 5.90 -31.94 -19.63
CA GLY A 1421 7.00 -32.03 -20.58
C GLY A 1421 8.23 -31.30 -20.12
N SER A 1422 8.04 -30.23 -19.34
CA SER A 1422 9.16 -29.42 -18.86
C SER A 1422 9.98 -30.18 -17.82
N ARG A 1423 11.06 -29.54 -17.37
CA ARG A 1423 11.88 -30.07 -16.29
C ARG A 1423 12.33 -28.93 -15.40
N GLY A 1424 12.66 -29.28 -14.15
CA GLY A 1424 13.20 -28.31 -13.22
C GLY A 1424 12.17 -27.43 -12.57
N ASN A 1425 12.30 -27.23 -11.26
CA ASN A 1425 11.39 -26.39 -10.51
C ASN A 1425 11.84 -24.95 -10.45
N CYS A 1426 12.50 -24.47 -11.50
CA CYS A 1426 13.00 -23.10 -11.54
C CYS A 1426 11.98 -22.15 -12.10
N GLY A 1427 12.10 -20.90 -11.68
CA GLY A 1427 11.47 -19.83 -12.39
C GLY A 1427 12.40 -19.29 -13.43
N SER A 1428 11.86 -18.48 -14.31
CA SER A 1428 12.68 -17.86 -15.32
C SER A 1428 12.74 -16.36 -15.09
N PRO A 1429 13.91 -15.83 -14.76
CA PRO A 1429 13.96 -14.44 -14.26
C PRO A 1429 13.51 -13.40 -15.25
N ALA A 1430 13.85 -13.54 -16.53
CA ALA A 1430 13.47 -12.53 -17.50
C ALA A 1430 11.96 -12.38 -17.57
N VAL A 1431 11.25 -13.47 -17.84
CA VAL A 1431 9.82 -13.37 -17.99
C VAL A 1431 9.14 -13.25 -16.63
N GLY A 1432 9.81 -13.65 -15.55
CA GLY A 1432 9.24 -13.42 -14.23
C GLY A 1432 9.23 -11.94 -13.87
N ILE A 1433 10.36 -11.28 -14.06
CA ILE A 1433 10.41 -9.83 -13.88
C ILE A 1433 9.43 -9.15 -14.80
N LEU A 1434 9.38 -9.57 -16.06
CA LEU A 1434 8.44 -9.00 -17.02
C LEU A 1434 7.01 -9.13 -16.52
N PHE A 1435 6.60 -10.37 -16.20
CA PHE A 1435 5.27 -10.65 -15.68
C PHE A 1435 4.92 -9.77 -14.49
N PHE A 1436 5.71 -9.85 -13.42
CA PHE A 1436 5.30 -9.22 -12.17
C PHE A 1436 5.40 -7.71 -12.23
N THR A 1437 6.51 -7.19 -12.76
CA THR A 1437 6.61 -5.74 -12.89
C THR A 1437 5.52 -5.20 -13.79
N THR A 1438 5.27 -5.83 -14.93
CA THR A 1438 4.23 -5.36 -15.84
C THR A 1438 2.86 -5.49 -15.20
N TYR A 1439 2.62 -6.54 -14.42
CA TYR A 1439 1.29 -6.74 -13.86
C TYR A 1439 1.01 -5.71 -12.79
N ILE A 1440 1.94 -5.50 -11.87
CA ILE A 1440 1.68 -4.51 -10.85
C ILE A 1440 1.64 -3.11 -11.44
N ILE A 1441 2.37 -2.85 -12.52
CA ILE A 1441 2.32 -1.52 -13.11
C ILE A 1441 1.01 -1.31 -13.85
N ILE A 1442 0.53 -2.32 -14.57
CA ILE A 1442 -0.74 -2.18 -15.27
C ILE A 1442 -1.90 -2.09 -14.29
N SER A 1443 -1.85 -2.88 -13.21
CA SER A 1443 -2.90 -2.77 -12.21
C SER A 1443 -2.87 -1.42 -11.52
N PHE A 1444 -1.68 -0.95 -11.13
CA PHE A 1444 -1.55 0.40 -10.58
C PHE A 1444 -2.12 1.43 -11.54
N LEU A 1445 -1.76 1.35 -12.81
CA LEU A 1445 -2.21 2.35 -13.77
C LEU A 1445 -3.71 2.30 -13.96
N ILE A 1446 -4.27 1.10 -14.11
CA ILE A 1446 -5.72 0.97 -14.28
C ILE A 1446 -6.44 1.50 -13.07
N VAL A 1447 -6.07 1.03 -11.88
CA VAL A 1447 -6.75 1.47 -10.66
C VAL A 1447 -6.62 2.96 -10.46
N VAL A 1448 -5.42 3.53 -10.65
CA VAL A 1448 -5.23 4.95 -10.40
C VAL A 1448 -6.00 5.77 -11.42
N ASN A 1449 -5.80 5.48 -12.70
CA ASN A 1449 -6.48 6.20 -13.77
C ASN A 1449 -7.99 6.16 -13.59
N MET A 1450 -8.54 4.96 -13.39
CA MET A 1450 -9.98 4.81 -13.31
C MET A 1450 -10.55 5.41 -12.02
N TYR A 1451 -9.85 5.27 -10.90
CA TYR A 1451 -10.36 5.85 -9.67
C TYR A 1451 -10.33 7.36 -9.72
N ILE A 1452 -9.31 7.94 -10.36
CA ILE A 1452 -9.30 9.39 -10.50
C ILE A 1452 -10.39 9.82 -11.46
N ALA A 1453 -10.68 9.03 -12.49
CA ALA A 1453 -11.81 9.33 -13.36
C ALA A 1453 -13.12 9.32 -12.57
N ILE A 1454 -13.30 8.30 -11.72
CA ILE A 1454 -14.51 8.22 -10.90
C ILE A 1454 -14.63 9.42 -9.98
N ILE A 1455 -13.54 9.76 -9.31
CA ILE A 1455 -13.56 10.83 -8.33
C ILE A 1455 -13.81 12.16 -9.01
N LEU A 1456 -13.28 12.35 -10.22
CA LEU A 1456 -13.52 13.58 -10.95
C LEU A 1456 -14.96 13.66 -11.46
N GLU A 1457 -15.49 12.55 -11.99
CA GLU A 1457 -16.85 12.58 -12.51
C GLU A 1457 -17.86 12.74 -11.40
N ASN A 1458 -17.54 12.26 -10.19
CA ASN A 1458 -18.39 12.56 -9.04
C ASN A 1458 -18.26 14.01 -8.63
N PHE A 1459 -17.14 14.64 -8.95
CA PHE A 1459 -16.92 16.04 -8.63
C PHE A 1459 -17.25 16.93 -9.83
#